data_7YLQ
#
_entry.id   7YLQ
#
_cell.length_a   138.430
_cell.length_b   138.430
_cell.length_c   275.572
_cell.angle_alpha   90.000
_cell.angle_beta   90.000
_cell.angle_gamma   120.000
#
_symmetry.space_group_name_H-M   'P 61 2 2'
#
loop_
_entity.id
_entity.type
_entity.pdbx_description
1 polymer 'Microcystinase C'
2 non-polymer 'ZINC ION'
3 non-polymer 'CALCIUM ION'
4 water water
#
_entity_poly.entity_id   1
_entity_poly.type   'polypeptide(L)'
_entity_poly.pdbx_seq_one_letter_code
;MLDRRTLMGGILSMAGSKATGAALPGRRLRVFVATLGTETNSFSPLPTGLDAFRATMLWRPGEHPDFATEATGPLWAARE
RAREGRYEVIEGTCAFAMPGGPVSAQAYQLLRDEILDQLRRAMPVDIVAFGLHGAMLAFGEDECEADLLERARAIVGPDV
ALGAELDLHAHLSQRLVRAADVLVAFKYYPHIDYVERARDLLDLLERIRAGEIMPTSSLFNCQMVAGLATQSSPMKELVA
DLFEFERRGEVLSGSLIQGFRAGDVARMGSKVLIYTNNDQPAAASIAQDFGRRYQAMASIMKGNGPERSFAADIELAKAA
TAYPVILVDSSDNPGGGASGDNMALARAMLDNDLVPSCIGPIWDPLAVQLGFEAGLGADFSLRVGGKVGEASGLPLDVRG
KITGLAENVTQNLQGSRPPLGRVVCISTAGLDIIVSEIRDQCYGPDMFRALGVEPANKRYVAVKSSEQWRIGFGDMGRSV
IYVASSQQSSIRHYHKRSRPMWPFEPVLEHHH
;
_entity_poly.pdbx_strand_id   A,B
#
loop_
_chem_comp.id
_chem_comp.type
_chem_comp.name
_chem_comp.formula
CA non-polymer 'CALCIUM ION' 'Ca 2'
ZN non-polymer 'ZINC ION' 'Zn 2'
#
# COMPACT_ATOMS: atom_id res chain seq x y z
N GLY A 26 49.13 23.52 22.63
CA GLY A 26 49.05 22.08 22.94
C GLY A 26 47.61 21.65 23.11
N ARG A 27 46.68 22.61 23.06
CA ARG A 27 45.25 22.29 23.18
C ARG A 27 44.88 21.25 22.13
N ARG A 28 44.12 20.23 22.51
CA ARG A 28 43.66 19.28 21.48
C ARG A 28 42.81 20.09 20.49
N LEU A 29 43.13 20.02 19.21
CA LEU A 29 42.40 20.83 18.20
C LEU A 29 40.91 20.57 18.38
N ARG A 30 40.09 21.58 18.12
CA ARG A 30 38.62 21.44 18.28
C ARG A 30 38.02 21.22 16.89
N VAL A 31 37.21 20.17 16.68
CA VAL A 31 36.73 19.84 15.31
C VAL A 31 35.23 19.49 15.28
N PHE A 32 34.39 20.32 14.66
CA PHE A 32 32.92 20.02 14.54
C PHE A 32 32.69 18.95 13.48
N VAL A 33 31.80 17.97 13.72
CA VAL A 33 31.52 17.02 12.63
C VAL A 33 30.01 16.86 12.52
N ALA A 34 29.50 16.70 11.30
CA ALA A 34 28.05 16.56 11.08
C ALA A 34 27.81 15.96 9.70
N THR A 35 26.58 15.48 9.46
CA THR A 35 26.27 14.84 8.17
C THR A 35 24.85 15.17 7.73
N LEU A 36 24.68 15.66 6.50
CA LEU A 36 23.33 15.88 5.92
C LEU A 36 23.45 15.59 4.43
N GLY A 37 22.73 14.58 3.94
CA GLY A 37 22.91 14.21 2.53
C GLY A 37 21.92 13.19 2.00
N THR A 38 21.83 13.07 0.67
CA THR A 38 20.95 12.09 0.01
C THR A 38 21.25 12.15 -1.49
N GLU A 39 20.94 11.08 -2.23
CA GLU A 39 21.12 11.08 -3.70
C GLU A 39 19.76 11.36 -4.32
N THR A 40 19.50 12.61 -4.69
CA THR A 40 18.13 12.98 -5.16
C THR A 40 17.90 12.53 -6.60
N ASN A 41 16.79 11.82 -6.84
CA ASN A 41 16.41 11.46 -8.22
C ASN A 41 15.32 12.46 -8.58
N SER A 42 15.67 13.47 -9.36
CA SER A 42 14.70 14.57 -9.64
C SER A 42 13.45 13.99 -10.28
N PHE A 43 13.47 12.72 -10.67
CA PHE A 43 12.32 12.16 -11.41
C PHE A 43 11.49 11.26 -10.50
N SER A 44 11.86 11.16 -9.23
CA SER A 44 11.11 10.34 -8.24
C SER A 44 9.91 11.12 -7.72
N PRO A 45 8.70 10.53 -7.71
CA PRO A 45 7.55 11.20 -7.15
C PRO A 45 7.54 11.01 -5.63
N LEU A 46 8.53 10.31 -5.11
CA LEU A 46 8.56 10.02 -3.67
C LEU A 46 9.22 11.19 -2.95
N PRO A 47 8.70 11.60 -1.78
CA PRO A 47 9.27 12.70 -1.04
C PRO A 47 10.43 12.27 -0.15
N THR A 48 11.35 13.18 0.14
CA THR A 48 12.45 12.89 1.08
C THR A 48 12.28 13.87 2.24
N GLY A 49 11.39 13.54 3.19
CA GLY A 49 11.15 14.39 4.36
C GLY A 49 11.82 13.85 5.60
N LEU A 50 11.53 14.42 6.75
CA LEU A 50 12.20 14.00 8.01
C LEU A 50 11.89 12.53 8.28
N ASP A 51 10.70 12.08 7.89
CA ASP A 51 10.34 10.66 8.06
C ASP A 51 11.41 9.81 7.38
N ALA A 52 11.77 10.19 6.14
CA ALA A 52 12.78 9.42 5.38
C ALA A 52 14.12 9.42 6.11
N PHE A 53 14.57 10.58 6.54
CA PHE A 53 15.90 10.66 7.17
C PHE A 53 15.87 9.79 8.42
N ARG A 54 14.72 9.69 9.07
CA ARG A 54 14.58 8.87 10.30
C ARG A 54 14.60 7.39 9.94
N ALA A 55 14.08 7.06 8.77
CA ALA A 55 14.04 5.65 8.31
C ALA A 55 15.46 5.13 8.04
N THR A 56 16.38 6.03 7.69
CA THR A 56 17.76 5.62 7.33
C THR A 56 18.74 6.15 8.38
N MET A 57 18.85 7.48 8.53
CA MET A 57 19.76 8.06 9.55
C MET A 57 19.31 9.44 10.04
N LEU A 58 18.84 9.54 11.29
CA LEU A 58 18.53 10.86 11.88
C LEU A 58 19.13 10.84 13.29
N TRP A 59 20.45 10.76 13.36
CA TRP A 59 21.13 10.67 14.67
C TRP A 59 21.51 12.05 15.17
N ARG A 60 20.87 12.48 16.27
CA ARG A 60 21.17 13.81 16.85
C ARG A 60 22.40 13.69 17.74
N PRO A 61 23.04 14.79 18.16
CA PRO A 61 24.29 14.71 18.90
C PRO A 61 24.29 13.58 19.94
N GLY A 62 25.23 12.64 19.81
CA GLY A 62 25.36 11.53 20.76
C GLY A 62 24.64 10.26 20.33
N GLU A 63 23.84 10.31 19.27
CA GLU A 63 23.04 9.11 18.89
C GLU A 63 23.74 8.29 17.81
N HIS A 64 24.93 8.70 17.36
CA HIS A 64 25.67 7.99 16.30
C HIS A 64 26.28 6.71 16.86
N PRO A 65 25.97 5.53 16.30
CA PRO A 65 26.45 4.27 16.86
C PRO A 65 27.97 4.11 16.77
N ASP A 66 28.48 2.98 17.24
CA ASP A 66 29.95 2.72 17.24
C ASP A 66 30.31 1.94 15.99
N PHE A 67 29.56 2.13 14.91
CA PHE A 67 29.90 1.47 13.63
C PHE A 67 30.00 2.56 12.56
N ALA A 68 30.83 2.35 11.54
CA ALA A 68 31.06 3.40 10.53
C ALA A 68 29.98 3.38 9.45
N THR A 69 29.68 4.54 8.87
CA THR A 69 28.69 4.65 7.78
C THR A 69 29.33 5.47 6.67
N GLU A 70 28.92 5.26 5.42
CA GLU A 70 29.55 5.97 4.27
C GLU A 70 29.26 7.46 4.40
N ALA A 71 28.18 7.83 5.06
CA ALA A 71 27.79 9.25 5.16
C ALA A 71 28.41 9.91 6.38
N THR A 72 28.94 9.13 7.31
CA THR A 72 29.46 9.71 8.58
C THR A 72 30.94 9.42 8.75
N GLY A 73 31.70 9.48 7.67
CA GLY A 73 33.14 9.17 7.74
C GLY A 73 33.91 10.19 8.54
N PRO A 74 33.69 11.50 8.33
CA PRO A 74 34.47 12.52 9.02
C PRO A 74 34.37 12.34 10.55
N LEU A 75 33.17 12.05 11.06
CA LEU A 75 32.97 11.87 12.51
C LEU A 75 33.81 10.68 12.99
N TRP A 76 33.81 9.59 12.23
CA TRP A 76 34.52 8.36 12.67
C TRP A 76 36.01 8.64 12.85
N ALA A 77 36.64 9.28 11.87
CA ALA A 77 38.10 9.49 11.96
C ALA A 77 38.40 10.47 13.09
N ALA A 78 37.52 11.45 13.29
CA ALA A 78 37.71 12.43 14.38
C ALA A 78 37.59 11.70 15.72
N ARG A 79 36.60 10.84 15.87
CA ARG A 79 36.49 10.03 17.11
C ARG A 79 37.82 9.29 17.30
N GLU A 80 38.35 8.73 16.22
CA GLU A 80 39.62 7.98 16.28
C GLU A 80 40.74 8.91 16.72
N ARG A 81 40.80 10.10 16.14
CA ARG A 81 41.93 11.01 16.45
C ARG A 81 41.73 11.55 17.88
N ALA A 82 40.51 11.48 18.38
CA ALA A 82 40.25 11.90 19.78
C ALA A 82 40.75 10.79 20.70
N ARG A 83 40.51 9.53 20.34
CA ARG A 83 41.09 8.47 21.19
C ARG A 83 42.59 8.72 21.23
N GLU A 84 43.20 8.96 20.06
CA GLU A 84 44.65 9.25 19.98
C GLU A 84 44.95 10.45 20.88
N GLY A 85 43.92 11.18 21.29
CA GLY A 85 44.13 12.30 22.23
C GLY A 85 44.62 13.57 21.57
N ARG A 86 44.30 13.76 20.28
CA ARG A 86 44.77 14.97 19.55
C ARG A 86 43.56 15.81 19.14
N TYR A 87 42.35 15.32 19.39
CA TYR A 87 41.15 16.04 18.92
C TYR A 87 40.06 16.09 19.99
N GLU A 88 39.28 17.17 20.02
CA GLU A 88 38.13 17.22 20.94
C GLU A 88 36.89 17.32 20.04
N VAL A 89 36.27 16.19 19.74
CA VAL A 89 35.14 16.20 18.77
C VAL A 89 33.93 16.87 19.42
N ILE A 90 33.31 17.79 18.71
CA ILE A 90 31.91 18.20 18.98
C ILE A 90 31.05 17.62 17.86
N GLU A 91 30.04 16.84 18.23
CA GLU A 91 29.26 16.06 17.25
C GLU A 91 27.90 16.70 17.07
N GLY A 92 27.48 16.88 15.83
CA GLY A 92 26.16 17.47 15.55
C GLY A 92 25.25 16.44 14.93
N THR A 93 24.12 16.88 14.39
CA THR A 93 23.14 15.90 13.87
C THR A 93 23.70 15.23 12.62
N CYS A 94 23.61 13.91 12.53
CA CYS A 94 24.02 13.17 11.32
C CYS A 94 22.74 12.71 10.64
N ALA A 95 22.46 13.23 9.45
CA ALA A 95 21.17 12.90 8.78
C ALA A 95 21.43 12.37 7.38
N PHE A 96 20.76 11.29 7.02
CA PHE A 96 20.89 10.73 5.69
C PHE A 96 19.63 9.98 5.35
N ALA A 97 19.28 10.00 4.07
CA ALA A 97 18.03 9.40 3.59
C ALA A 97 18.31 8.59 2.33
N MET A 98 17.56 7.53 2.14
CA MET A 98 17.76 6.70 0.96
C MET A 98 17.37 7.48 -0.30
N PRO A 99 17.84 7.05 -1.48
CA PRO A 99 17.54 7.78 -2.72
C PRO A 99 16.05 7.93 -2.96
N GLY A 100 15.65 9.14 -3.33
CA GLY A 100 14.25 9.46 -3.55
C GLY A 100 14.15 10.77 -4.28
N GLY A 101 12.95 11.35 -4.25
CA GLY A 101 12.75 12.65 -4.80
C GLY A 101 13.36 13.75 -3.94
N PRO A 102 13.23 14.99 -4.40
CA PRO A 102 13.86 16.11 -3.71
C PRO A 102 13.35 16.28 -2.28
N VAL A 103 14.24 16.74 -1.41
CA VAL A 103 13.91 17.00 -0.02
C VAL A 103 12.93 18.16 0.06
N SER A 104 11.98 18.07 0.98
CA SER A 104 11.06 19.20 1.16
C SER A 104 11.80 20.41 1.71
N ALA A 105 11.33 21.59 1.32
CA ALA A 105 11.97 22.81 1.78
C ALA A 105 11.98 22.87 3.31
N GLN A 106 10.89 22.45 3.93
CA GLN A 106 10.84 22.41 5.40
C GLN A 106 11.85 21.43 6.01
N ALA A 107 11.99 20.23 5.43
CA ALA A 107 12.92 19.26 6.01
C ALA A 107 14.36 19.73 5.88
N TYR A 108 14.78 20.13 4.67
CA TYR A 108 16.13 20.62 4.47
C TYR A 108 16.43 21.80 5.39
N GLN A 109 15.48 22.74 5.51
CA GLN A 109 15.66 23.92 6.36
C GLN A 109 15.81 23.54 7.84
N LEU A 110 14.96 22.61 8.32
CA LEU A 110 15.04 22.19 9.71
C LEU A 110 16.37 21.51 10.02
N LEU A 111 16.82 20.61 9.15
CA LEU A 111 18.08 19.93 9.45
C LEU A 111 19.26 20.87 9.30
N ARG A 112 19.26 21.69 8.24
CA ARG A 112 20.32 22.68 8.02
C ARG A 112 20.46 23.61 9.21
N ASP A 113 19.33 24.07 9.78
CA ASP A 113 19.45 25.03 10.86
C ASP A 113 19.80 24.35 12.18
N GLU A 114 19.34 23.11 12.37
CA GLU A 114 19.73 22.36 13.58
C GLU A 114 21.24 22.19 13.59
N ILE A 115 21.83 21.75 12.48
CA ILE A 115 23.29 21.48 12.44
C ILE A 115 24.02 22.80 12.64
N LEU A 116 23.53 23.86 12.01
CA LEU A 116 24.21 25.19 12.11
C LEU A 116 24.11 25.72 13.55
N ASP A 117 22.97 25.52 14.21
CA ASP A 117 22.83 25.96 15.63
C ASP A 117 23.86 25.22 16.47
N GLN A 118 24.01 23.92 16.22
CA GLN A 118 24.99 23.12 16.99
C GLN A 118 26.38 23.72 16.80
N LEU A 119 26.72 24.17 15.60
CA LEU A 119 28.08 24.70 15.34
C LEU A 119 28.28 25.99 16.13
N ARG A 120 27.24 26.83 16.18
CA ARG A 120 27.32 28.08 16.95
C ARG A 120 27.59 27.73 18.41
N ARG A 121 26.78 26.84 18.97
CA ARG A 121 26.90 26.49 20.41
C ARG A 121 28.25 25.85 20.69
N ALA A 122 28.98 25.46 19.64
CA ALA A 122 30.25 24.73 19.87
C ALA A 122 31.42 25.70 19.78
N MET A 123 31.16 26.93 19.34
CA MET A 123 32.24 27.92 19.18
C MET A 123 32.90 28.15 20.53
N PRO A 124 34.24 28.04 20.65
CA PRO A 124 35.13 28.17 19.51
C PRO A 124 35.56 26.81 18.95
N VAL A 125 35.79 26.74 17.63
CA VAL A 125 36.26 25.48 16.98
C VAL A 125 37.44 25.81 16.08
N ASP A 126 38.23 24.81 15.70
CA ASP A 126 39.41 25.03 14.84
C ASP A 126 39.16 24.38 13.48
N ILE A 127 38.45 23.26 13.45
CA ILE A 127 38.20 22.52 12.17
C ILE A 127 36.73 22.13 12.08
N VAL A 128 36.16 22.43 10.99
CA VAL A 128 34.77 21.96 10.79
C VAL A 128 34.78 21.02 9.59
N ALA A 129 34.31 19.78 9.76
CA ALA A 129 34.37 18.77 8.70
C ALA A 129 33.00 18.12 8.58
N PHE A 130 32.38 18.24 7.41
CA PHE A 130 31.03 17.76 7.17
C PHE A 130 31.04 16.53 6.28
N GLY A 131 30.16 15.58 6.59
CA GLY A 131 29.88 14.51 5.67
C GLY A 131 28.69 14.83 4.81
N LEU A 132 28.93 15.24 3.57
CA LEU A 132 27.82 15.57 2.66
C LEU A 132 27.82 14.60 1.47
N HIS A 133 26.76 14.58 0.68
CA HIS A 133 26.75 13.73 -0.54
C HIS A 133 27.22 14.55 -1.73
N GLY A 134 26.56 15.67 -2.02
CA GLY A 134 26.93 16.55 -3.14
C GLY A 134 25.86 16.58 -4.21
N ALA A 135 24.87 15.71 -4.11
CA ALA A 135 23.79 15.64 -5.12
C ALA A 135 22.44 15.71 -4.44
N MET A 136 22.37 16.34 -3.27
CA MET A 136 21.08 16.55 -2.58
C MET A 136 20.39 17.75 -3.21
N LEU A 137 19.23 17.52 -3.80
CA LEU A 137 18.46 18.63 -4.38
C LEU A 137 17.20 18.81 -3.54
N ALA A 138 16.92 20.04 -3.14
CA ALA A 138 15.71 20.31 -2.34
C ALA A 138 14.85 21.33 -3.08
N PHE A 139 13.57 21.37 -2.75
CA PHE A 139 12.66 22.35 -3.40
C PHE A 139 13.08 23.75 -2.99
N GLY A 140 13.54 24.54 -3.95
CA GLY A 140 13.94 25.93 -3.66
C GLY A 140 15.44 26.06 -3.48
N GLU A 141 16.15 24.94 -3.39
CA GLU A 141 17.63 24.99 -3.27
C GLU A 141 18.26 24.00 -4.24
N ASP A 142 19.03 24.51 -5.21
CA ASP A 142 19.70 23.63 -6.20
C ASP A 142 21.17 23.55 -5.83
N GLU A 143 21.56 24.22 -4.75
CA GLU A 143 22.96 24.18 -4.26
C GLU A 143 22.91 24.05 -2.74
N CYS A 144 22.31 22.98 -2.22
CA CYS A 144 22.13 22.78 -0.77
C CYS A 144 23.47 22.67 -0.04
N GLU A 145 24.43 21.97 -0.62
CA GLU A 145 25.72 21.72 0.07
C GLU A 145 26.48 23.04 0.24
N ALA A 146 26.40 23.91 -0.75
CA ALA A 146 27.07 25.23 -0.65
C ALA A 146 26.36 26.11 0.38
N ASP A 147 25.04 26.10 0.38
CA ASP A 147 24.27 26.88 1.36
C ASP A 147 24.76 26.53 2.76
N LEU A 148 24.80 25.24 3.11
CA LEU A 148 25.19 24.81 4.47
C LEU A 148 26.62 25.28 4.77
N LEU A 149 27.52 25.11 3.81
CA LEU A 149 28.94 25.45 4.05
C LEU A 149 29.09 26.97 4.15
N GLU A 150 28.38 27.72 3.31
CA GLU A 150 28.51 29.20 3.31
C GLU A 150 27.88 29.74 4.60
N ARG A 151 26.76 29.15 5.00
CA ARG A 151 26.07 29.57 6.25
C ARG A 151 26.95 29.15 7.44
N ALA A 152 27.87 28.22 7.20
CA ALA A 152 28.80 27.78 8.25
C ALA A 152 29.94 28.80 8.42
N ARG A 153 30.50 29.28 7.31
CA ARG A 153 31.63 30.23 7.40
C ARG A 153 31.11 31.54 7.99
N ALA A 154 29.81 31.78 7.85
CA ALA A 154 29.20 33.00 8.41
C ALA A 154 29.30 32.95 9.94
N ILE A 155 29.42 31.75 10.49
CA ILE A 155 29.46 31.59 11.97
C ILE A 155 30.91 31.39 12.42
N VAL A 156 31.67 30.57 11.71
CA VAL A 156 33.07 30.22 12.13
C VAL A 156 34.03 31.34 11.75
N GLY A 157 33.82 31.99 10.61
CA GLY A 157 34.76 33.02 10.17
C GLY A 157 35.72 32.48 9.15
N PRO A 158 36.68 33.28 8.64
CA PRO A 158 37.57 32.83 7.58
C PRO A 158 38.80 32.05 8.04
N ASP A 159 39.06 31.99 9.34
CA ASP A 159 40.30 31.36 9.83
C ASP A 159 40.03 29.94 10.32
N VAL A 160 38.77 29.53 10.34
CA VAL A 160 38.44 28.12 10.70
C VAL A 160 38.52 27.31 9.42
N ALA A 161 38.99 26.06 9.52
CA ALA A 161 39.10 25.19 8.34
C ALA A 161 37.75 24.51 8.09
N LEU A 162 37.12 24.83 6.97
CA LEU A 162 35.80 24.24 6.63
C LEU A 162 36.00 23.31 5.44
N GLY A 163 35.58 22.06 5.58
CA GLY A 163 35.73 21.09 4.49
C GLY A 163 34.61 20.06 4.52
N ALA A 164 34.53 19.22 3.50
CA ALA A 164 33.42 18.25 3.43
C ALA A 164 33.83 17.03 2.62
N GLU A 165 33.21 15.89 2.92
CA GLU A 165 33.48 14.65 2.13
C GLU A 165 32.28 14.50 1.20
N LEU A 166 32.50 13.97 0.00
CA LEU A 166 31.38 13.93 -0.96
C LEU A 166 31.33 12.57 -1.66
N ASP A 167 30.15 12.19 -2.15
CA ASP A 167 30.04 10.95 -2.97
C ASP A 167 30.51 11.35 -4.36
N LEU A 168 31.15 10.45 -5.08
CA LEU A 168 31.59 10.75 -6.46
C LEU A 168 30.35 10.93 -7.34
N HIS A 169 29.18 10.52 -6.85
CA HIS A 169 27.91 10.67 -7.61
C HIS A 169 27.34 12.05 -7.30
N ALA A 170 28.19 13.03 -7.04
CA ALA A 170 27.73 14.36 -6.60
C ALA A 170 27.64 15.38 -7.73
N HIS A 171 27.04 16.53 -7.44
CA HIS A 171 26.97 17.64 -8.42
C HIS A 171 27.92 18.74 -7.94
N LEU A 172 29.10 18.85 -8.55
CA LEU A 172 30.10 19.85 -8.13
C LEU A 172 29.88 21.19 -8.85
N SER A 173 29.86 22.28 -8.09
CA SER A 173 29.70 23.63 -8.66
C SER A 173 30.91 24.44 -8.21
N GLN A 174 31.24 25.51 -8.93
CA GLN A 174 32.35 26.39 -8.48
C GLN A 174 31.90 27.06 -7.18
N ARG A 175 30.59 27.26 -7.01
CA ARG A 175 30.07 27.84 -5.75
C ARG A 175 30.41 26.90 -4.59
N LEU A 176 30.26 25.59 -4.79
CA LEU A 176 30.56 24.62 -3.71
C LEU A 176 32.07 24.62 -3.43
N VAL A 177 32.86 24.74 -4.48
CA VAL A 177 34.35 24.73 -4.32
C VAL A 177 34.74 25.96 -3.50
N ARG A 178 34.09 27.09 -3.74
CA ARG A 178 34.43 28.35 -3.03
C ARG A 178 33.82 28.33 -1.63
N ALA A 179 32.80 27.51 -1.41
CA ALA A 179 32.11 27.47 -0.11
C ALA A 179 32.96 26.75 0.94
N ALA A 180 33.94 25.96 0.47
CA ALA A 180 34.76 25.18 1.42
C ALA A 180 36.25 25.40 1.14
N ASP A 181 37.08 25.20 2.14
CA ASP A 181 38.55 25.32 1.95
C ASP A 181 39.02 24.11 1.13
N VAL A 182 38.46 22.94 1.42
CA VAL A 182 38.84 21.71 0.67
C VAL A 182 37.66 20.75 0.65
N LEU A 183 37.50 19.98 -0.43
CA LEU A 183 36.42 18.98 -0.54
C LEU A 183 37.06 17.67 -1.02
N VAL A 184 36.85 16.58 -0.27
CA VAL A 184 37.43 15.26 -0.66
C VAL A 184 36.28 14.30 -0.96
N ALA A 185 36.34 13.61 -2.10
CA ALA A 185 35.24 12.71 -2.50
C ALA A 185 35.69 11.26 -2.51
N PHE A 186 34.71 10.35 -2.54
CA PHE A 186 35.02 8.90 -2.62
C PHE A 186 35.82 8.65 -3.89
N LYS A 187 36.84 7.80 -3.81
CA LYS A 187 37.69 7.48 -4.98
C LYS A 187 37.16 6.18 -5.63
N TYR A 188 36.27 5.48 -4.95
CA TYR A 188 35.92 4.08 -5.30
C TYR A 188 34.40 3.95 -5.35
N TYR A 189 33.92 3.22 -6.36
CA TYR A 189 32.53 2.75 -6.46
C TYR A 189 32.54 1.30 -6.95
N PRO A 190 32.32 0.30 -6.07
CA PRO A 190 31.52 0.48 -4.86
C PRO A 190 32.23 1.27 -3.76
N HIS A 191 31.46 2.04 -2.98
CA HIS A 191 32.02 3.09 -2.09
C HIS A 191 32.62 2.42 -0.84
N ILE A 192 33.95 2.30 -0.81
CA ILE A 192 34.68 1.46 0.17
C ILE A 192 35.56 2.39 1.02
N ASP A 193 35.87 3.58 0.50
CA ASP A 193 37.00 4.38 1.03
C ASP A 193 36.51 5.55 1.90
N TYR A 194 35.31 5.47 2.45
CA TYR A 194 34.75 6.63 3.18
C TYR A 194 35.65 7.05 4.35
N VAL A 195 36.08 6.10 5.18
CA VAL A 195 36.85 6.48 6.39
C VAL A 195 38.23 7.00 5.96
N GLU A 196 38.83 6.38 4.95
CA GLU A 196 40.19 6.77 4.52
C GLU A 196 40.16 8.18 3.91
N ARG A 197 39.11 8.48 3.14
CA ARG A 197 38.98 9.83 2.53
C ARG A 197 38.78 10.85 3.65
N ALA A 198 38.02 10.48 4.68
CA ALA A 198 37.83 11.39 5.83
C ALA A 198 39.18 11.72 6.46
N ARG A 199 39.99 10.70 6.70
CA ARG A 199 41.31 10.92 7.32
C ARG A 199 42.09 11.88 6.43
N ASP A 200 41.98 11.70 5.12
CA ASP A 200 42.68 12.59 4.17
C ASP A 200 42.16 14.01 4.32
N LEU A 201 40.84 14.19 4.39
CA LEU A 201 40.24 15.54 4.52
C LEU A 201 40.75 16.17 5.82
N LEU A 202 40.69 15.43 6.93
CA LEU A 202 41.08 16.01 8.23
C LEU A 202 42.56 16.39 8.20
N ASP A 203 43.39 15.55 7.59
CA ASP A 203 44.84 15.85 7.50
C ASP A 203 44.99 17.18 6.78
N LEU A 204 44.24 17.36 5.69
CA LEU A 204 44.37 18.61 4.90
C LEU A 204 43.83 19.78 5.71
N LEU A 205 42.68 19.60 6.34
CA LEU A 205 42.07 20.71 7.10
C LEU A 205 43.05 21.12 8.20
N GLU A 206 43.76 20.15 8.77
CA GLU A 206 44.74 20.44 9.84
C GLU A 206 45.85 21.31 9.26
N ARG A 207 46.39 20.93 8.12
CA ARG A 207 47.52 21.68 7.52
C ARG A 207 47.04 23.08 7.14
N ILE A 208 45.78 23.21 6.72
CA ILE A 208 45.23 24.54 6.31
C ILE A 208 45.13 25.41 7.56
N ARG A 209 44.66 24.85 8.68
CA ARG A 209 44.56 25.61 9.94
C ARG A 209 45.94 26.05 10.39
N ALA A 210 46.93 25.17 10.26
CA ALA A 210 48.30 25.49 10.72
C ALA A 210 49.01 26.37 9.69
N GLY A 211 48.30 26.78 8.64
CA GLY A 211 48.88 27.70 7.65
C GLY A 211 50.06 27.08 6.94
N GLU A 212 50.10 25.75 6.88
CA GLU A 212 51.24 25.05 6.21
C GLU A 212 50.94 24.89 4.73
N ILE A 213 49.68 25.05 4.32
CA ILE A 213 49.29 24.83 2.90
C ILE A 213 48.22 25.86 2.49
N MET A 214 48.31 26.37 1.27
CA MET A 214 47.27 27.30 0.75
C MET A 214 46.64 26.64 -0.48
N PRO A 215 45.42 26.09 -0.38
CA PRO A 215 44.83 25.33 -1.49
C PRO A 215 44.42 26.11 -2.76
N THR A 216 44.94 25.69 -3.91
CA THR A 216 44.54 26.28 -5.21
C THR A 216 43.72 25.21 -5.92
N SER A 217 42.57 25.56 -6.49
CA SER A 217 41.68 24.51 -7.04
C SER A 217 41.31 24.72 -8.50
N SER A 218 40.88 23.65 -9.17
CA SER A 218 40.37 23.76 -10.57
C SER A 218 39.27 22.72 -10.76
N LEU A 219 38.14 23.12 -11.36
CA LEU A 219 37.05 22.17 -11.67
C LEU A 219 36.92 22.10 -13.19
N PHE A 220 37.08 20.91 -13.77
CA PHE A 220 36.97 20.72 -15.23
C PHE A 220 35.63 20.08 -15.57
N ASN A 221 34.84 20.73 -16.40
CA ASN A 221 33.55 20.15 -16.85
C ASN A 221 33.84 19.27 -18.06
N CYS A 222 33.54 17.96 -17.95
CA CYS A 222 33.77 17.02 -19.06
C CYS A 222 32.57 17.09 -19.99
N GLN A 223 31.66 18.03 -19.72
CA GLN A 223 30.46 18.25 -20.58
C GLN A 223 29.80 16.90 -20.85
N MET A 224 29.76 16.04 -19.84
CA MET A 224 29.22 14.68 -20.04
C MET A 224 28.71 14.13 -18.70
N VAL A 225 27.73 13.25 -18.76
CA VAL A 225 27.28 12.54 -17.52
C VAL A 225 27.57 11.07 -17.82
N ALA A 226 28.58 10.52 -17.17
CA ALA A 226 29.00 9.13 -17.45
C ALA A 226 29.41 8.43 -16.16
N GLY A 227 29.16 7.14 -16.07
CA GLY A 227 29.51 6.40 -14.86
C GLY A 227 30.22 5.10 -15.16
N LEU A 228 31.29 4.82 -14.41
N LEU A 228 31.30 4.83 -14.41
CA LEU A 228 32.04 3.56 -14.60
CA LEU A 228 32.06 3.57 -14.60
C LEU A 228 32.48 3.03 -13.23
C LEU A 228 32.46 3.03 -13.23
N ALA A 229 32.46 1.71 -13.07
CA ALA A 229 32.88 1.10 -11.78
C ALA A 229 34.38 1.30 -11.64
N THR A 230 34.86 1.45 -10.40
CA THR A 230 36.28 1.82 -10.22
C THR A 230 37.18 0.57 -10.16
N GLN A 231 36.61 -0.63 -10.18
CA GLN A 231 37.46 -1.84 -10.00
C GLN A 231 37.80 -2.46 -11.35
N SER A 232 37.19 -1.96 -12.42
CA SER A 232 37.43 -2.52 -13.76
C SER A 232 38.05 -1.47 -14.67
N SER A 233 38.85 -1.90 -15.64
CA SER A 233 39.42 -0.96 -16.62
C SER A 233 38.30 -0.46 -17.54
N PRO A 234 38.35 0.79 -18.04
CA PRO A 234 39.55 1.61 -17.94
C PRO A 234 39.64 2.55 -16.73
N MET A 235 38.65 2.52 -15.82
CA MET A 235 38.62 3.49 -14.70
C MET A 235 39.64 3.13 -13.61
N LYS A 236 39.92 1.86 -13.42
CA LYS A 236 40.83 1.43 -12.33
C LYS A 236 42.16 2.17 -12.44
N GLU A 237 42.70 2.27 -13.65
CA GLU A 237 44.03 2.88 -13.85
C GLU A 237 43.98 4.40 -13.65
N LEU A 238 42.89 5.04 -14.03
CA LEU A 238 42.75 6.51 -13.84
C LEU A 238 42.71 6.81 -12.34
N VAL A 239 41.92 6.05 -11.59
CA VAL A 239 41.81 6.27 -10.11
C VAL A 239 43.20 6.07 -9.51
N ALA A 240 43.90 5.02 -9.95
CA ALA A 240 45.25 4.71 -9.43
C ALA A 240 46.20 5.86 -9.72
N ASP A 241 46.19 6.35 -10.96
CA ASP A 241 47.12 7.42 -11.35
C ASP A 241 46.86 8.65 -10.48
N LEU A 242 45.60 8.87 -10.15
CA LEU A 242 45.24 10.03 -9.30
C LEU A 242 45.86 9.83 -7.91
N PHE A 243 45.78 8.62 -7.37
CA PHE A 243 46.39 8.34 -6.06
C PHE A 243 47.89 8.60 -6.14
N GLU A 244 48.49 8.29 -7.28
CA GLU A 244 49.96 8.45 -7.43
C GLU A 244 50.33 9.93 -7.38
N PHE A 245 49.55 10.79 -8.01
CA PHE A 245 49.83 12.24 -8.01
C PHE A 245 49.80 12.74 -6.57
N GLU A 246 48.84 12.26 -5.80
CA GLU A 246 48.73 12.66 -4.37
C GLU A 246 49.97 12.18 -3.62
N ARG A 247 50.37 10.93 -3.83
CA ARG A 247 51.54 10.36 -3.12
C ARG A 247 52.80 11.14 -3.53
N ARG A 248 52.94 11.45 -4.82
CA ARG A 248 54.15 12.15 -5.31
C ARG A 248 54.06 13.63 -4.92
N GLY A 249 52.93 14.06 -4.38
CA GLY A 249 52.78 15.45 -3.92
C GLY A 249 52.51 16.42 -5.05
N GLU A 250 52.36 15.93 -6.28
CA GLU A 250 52.04 16.82 -7.42
C GLU A 250 50.69 17.47 -7.14
N VAL A 251 49.83 16.79 -6.41
CA VAL A 251 48.51 17.37 -6.03
C VAL A 251 48.28 17.14 -4.54
N LEU A 252 47.60 18.09 -3.89
CA LEU A 252 47.25 17.92 -2.46
C LEU A 252 46.10 16.92 -2.38
N SER A 253 45.09 17.09 -3.22
CA SER A 253 43.96 16.12 -3.27
C SER A 253 43.32 16.17 -4.66
N GLY A 254 42.83 15.03 -5.13
CA GLY A 254 42.17 14.97 -6.45
C GLY A 254 40.90 14.14 -6.37
N SER A 255 39.86 14.58 -7.07
CA SER A 255 38.57 13.85 -6.99
C SER A 255 37.93 13.77 -8.38
N LEU A 256 37.58 12.55 -8.80
CA LEU A 256 36.86 12.39 -10.09
C LEU A 256 35.37 12.31 -9.77
N ILE A 257 34.62 13.32 -10.18
CA ILE A 257 33.14 13.33 -9.93
C ILE A 257 32.46 12.67 -11.12
N GLN A 258 32.00 11.44 -10.94
CA GLN A 258 31.29 10.71 -12.01
C GLN A 258 29.94 11.36 -12.22
N GLY A 259 29.25 11.73 -11.15
CA GLY A 259 28.00 12.49 -11.30
C GLY A 259 26.76 11.67 -11.11
N PHE A 260 25.59 12.33 -11.13
CA PHE A 260 24.30 11.64 -10.99
C PHE A 260 23.37 12.16 -12.08
N ARG A 261 23.14 11.36 -13.12
CA ARG A 261 22.32 11.81 -14.28
C ARG A 261 20.89 12.10 -13.86
N ALA A 262 20.41 11.53 -12.75
CA ALA A 262 19.00 11.76 -12.44
C ALA A 262 18.76 13.06 -11.66
N GLY A 263 19.79 13.88 -11.44
CA GLY A 263 19.57 15.16 -10.81
C GLY A 263 19.38 16.23 -11.86
N ASP A 264 18.16 16.71 -12.04
CA ASP A 264 17.88 17.76 -13.04
C ASP A 264 18.26 19.12 -12.46
N VAL A 265 19.53 19.51 -12.63
CA VAL A 265 20.09 20.72 -12.02
C VAL A 265 21.31 21.15 -12.83
N ALA A 266 21.54 22.47 -12.94
CA ALA A 266 22.62 22.97 -13.78
C ALA A 266 24.00 22.46 -13.35
N ARG A 267 24.16 22.11 -12.08
CA ARG A 267 25.50 21.71 -11.57
C ARG A 267 25.76 20.23 -11.85
N MET A 268 24.78 19.54 -12.41
CA MET A 268 24.93 18.09 -12.66
C MET A 268 25.99 17.87 -13.74
N GLY A 269 26.62 16.70 -13.72
CA GLY A 269 27.63 16.40 -14.75
C GLY A 269 28.87 15.73 -14.23
N SER A 270 29.63 15.12 -15.11
CA SER A 270 30.89 14.48 -14.72
C SER A 270 31.96 15.56 -14.72
N LYS A 271 32.79 15.60 -13.69
CA LYS A 271 33.78 16.66 -13.53
C LYS A 271 35.02 16.14 -12.81
N VAL A 272 36.10 16.91 -12.90
CA VAL A 272 37.37 16.62 -12.23
C VAL A 272 37.77 17.82 -11.39
N LEU A 273 38.09 17.58 -10.12
CA LEU A 273 38.46 18.61 -9.16
C LEU A 273 39.88 18.36 -8.67
N ILE A 274 40.78 19.32 -8.89
CA ILE A 274 42.18 19.23 -8.48
C ILE A 274 42.52 20.36 -7.52
N TYR A 275 43.25 20.04 -6.46
CA TYR A 275 43.80 21.03 -5.54
C TYR A 275 45.33 20.92 -5.52
N THR A 276 46.00 22.06 -5.53
CA THR A 276 47.46 22.12 -5.42
C THR A 276 47.83 23.16 -4.38
N ASN A 277 49.12 23.20 -4.02
CA ASN A 277 49.64 24.16 -3.06
C ASN A 277 50.11 25.40 -3.80
N ASN A 278 49.28 26.45 -3.79
CA ASN A 278 49.61 27.76 -4.33
C ASN A 278 50.17 27.69 -5.76
N ASP A 279 49.51 26.89 -6.62
CA ASP A 279 49.83 26.81 -8.05
C ASP A 279 48.54 26.48 -8.79
N GLN A 280 47.69 27.51 -8.96
CA GLN A 280 46.43 27.31 -9.66
C GLN A 280 46.62 26.91 -11.12
N PRO A 281 47.51 27.49 -11.89
CA PRO A 281 47.74 26.97 -13.26
C PRO A 281 48.04 25.47 -13.29
N ALA A 282 48.82 24.97 -12.32
CA ALA A 282 49.12 23.55 -12.28
C ALA A 282 47.87 22.73 -11.96
N ALA A 283 46.98 23.29 -11.13
CA ALA A 283 45.69 22.65 -10.89
C ALA A 283 44.91 22.53 -12.19
N ALA A 284 44.84 23.63 -12.96
CA ALA A 284 44.00 23.59 -14.16
C ALA A 284 44.53 22.59 -15.19
N SER A 285 45.85 22.54 -15.39
CA SER A 285 46.42 21.55 -16.30
C SER A 285 46.15 20.13 -15.82
N ILE A 286 46.43 19.84 -14.55
CA ILE A 286 46.24 18.48 -14.07
C ILE A 286 44.77 18.09 -14.15
N ALA A 287 43.88 19.00 -13.79
CA ALA A 287 42.44 18.74 -13.87
C ALA A 287 42.03 18.46 -15.30
N GLN A 288 42.58 19.21 -16.25
CA GLN A 288 42.22 19.04 -17.68
C GLN A 288 42.72 17.70 -18.21
N ASP A 289 43.91 17.27 -17.75
N ASP A 289 43.91 17.27 -17.75
CA ASP A 289 44.50 16.00 -18.23
CA ASP A 289 44.49 15.99 -18.23
C ASP A 289 43.61 14.83 -17.82
C ASP A 289 43.62 14.81 -17.81
N PHE A 290 43.23 14.77 -16.54
CA PHE A 290 42.40 13.64 -16.04
C PHE A 290 40.98 13.74 -16.61
N GLY A 291 40.54 14.94 -16.96
CA GLY A 291 39.16 15.10 -17.48
C GLY A 291 39.04 14.66 -18.93
N ARG A 292 40.11 14.83 -19.71
CA ARG A 292 40.12 14.42 -21.14
C ARG A 292 40.26 12.89 -21.22
N ARG A 293 40.95 12.28 -20.26
CA ARG A 293 41.08 10.80 -20.21
C ARG A 293 39.71 10.20 -19.87
N TYR A 294 38.94 10.88 -19.02
CA TYR A 294 37.57 10.43 -18.66
C TYR A 294 36.68 10.52 -19.88
N GLN A 295 36.77 11.65 -20.59
CA GLN A 295 35.93 11.87 -21.79
C GLN A 295 36.24 10.79 -22.83
N ALA A 296 37.50 10.37 -22.91
CA ALA A 296 37.91 9.33 -23.87
C ALA A 296 37.38 7.97 -23.43
N MET A 297 37.40 7.70 -22.13
CA MET A 297 36.79 6.45 -21.61
C MET A 297 35.28 6.60 -21.63
N ALA A 298 34.67 6.73 -22.81
CA ALA A 298 33.21 6.88 -22.95
C ALA A 298 32.58 5.52 -23.23
N SER A 299 33.25 4.41 -22.85
CA SER A 299 32.73 3.04 -23.07
C SER A 299 33.63 2.04 -22.32
N GLU A 307 18.66 1.34 -27.32
CA GLU A 307 19.13 0.29 -28.27
C GLU A 307 18.58 -1.07 -27.84
N ARG A 308 18.39 -1.28 -26.52
CA ARG A 308 17.93 -2.61 -26.02
C ARG A 308 16.47 -2.52 -25.62
N SER A 309 15.65 -3.51 -26.01
CA SER A 309 14.20 -3.45 -25.75
C SER A 309 13.80 -4.39 -24.62
N PHE A 310 12.66 -4.12 -23.98
CA PHE A 310 12.15 -5.00 -22.92
C PHE A 310 11.82 -6.35 -23.54
N ALA A 311 11.11 -6.32 -24.68
CA ALA A 311 10.65 -7.58 -25.30
C ALA A 311 11.85 -8.48 -25.63
N ALA A 312 12.90 -7.90 -26.18
CA ALA A 312 14.11 -8.69 -26.53
C ALA A 312 14.70 -9.31 -25.28
N ASP A 313 14.77 -8.54 -24.21
CA ASP A 313 15.36 -9.04 -22.94
C ASP A 313 14.50 -10.20 -22.40
N ILE A 314 13.18 -10.12 -22.54
CA ILE A 314 12.29 -11.22 -22.10
C ILE A 314 12.47 -12.40 -23.03
N GLU A 315 12.68 -12.14 -24.31
CA GLU A 315 12.92 -13.23 -25.29
C GLU A 315 14.28 -13.86 -24.97
N LEU A 316 15.29 -13.03 -24.70
CA LEU A 316 16.60 -13.58 -24.28
C LEU A 316 16.39 -14.39 -23.02
N ALA A 317 15.60 -13.85 -22.09
CA ALA A 317 15.35 -14.61 -20.87
C ALA A 317 14.67 -15.93 -21.16
N LYS A 318 13.72 -15.93 -22.08
CA LYS A 318 12.97 -17.18 -22.35
C LYS A 318 13.92 -18.18 -23.01
N ALA A 319 15.04 -17.72 -23.53
CA ALA A 319 15.98 -18.59 -24.27
C ALA A 319 17.01 -19.23 -23.34
N ALA A 320 17.04 -18.80 -22.08
CA ALA A 320 18.04 -19.31 -21.13
C ALA A 320 17.85 -20.81 -20.91
N THR A 321 18.97 -21.53 -20.74
CA THR A 321 18.92 -23.00 -20.54
C THR A 321 19.72 -23.33 -19.30
N ALA A 322 20.43 -22.34 -18.75
CA ALA A 322 21.27 -22.55 -17.55
C ALA A 322 20.64 -21.84 -16.37
N TYR A 323 20.14 -22.60 -15.40
CA TYR A 323 19.45 -22.00 -14.24
C TYR A 323 20.32 -22.18 -12.99
N PRO A 324 20.29 -21.27 -12.00
CA PRO A 324 19.32 -20.17 -11.94
C PRO A 324 19.70 -18.94 -12.78
N VAL A 325 18.72 -18.27 -13.35
CA VAL A 325 18.97 -17.03 -14.16
C VAL A 325 18.53 -15.82 -13.33
N ILE A 326 19.43 -14.84 -13.18
CA ILE A 326 19.13 -13.61 -12.39
C ILE A 326 18.64 -12.53 -13.34
N LEU A 327 17.42 -12.04 -13.10
CA LEU A 327 16.85 -10.94 -13.91
C LEU A 327 16.95 -9.67 -13.07
N VAL A 328 17.71 -8.68 -13.54
CA VAL A 328 17.94 -7.46 -12.74
C VAL A 328 17.09 -6.31 -13.29
N ASP A 329 16.09 -5.87 -12.55
CA ASP A 329 15.24 -4.73 -12.97
C ASP A 329 15.92 -3.44 -12.51
N SER A 330 17.06 -3.12 -13.12
CA SER A 330 17.84 -1.91 -12.75
C SER A 330 17.02 -0.65 -12.95
N SER A 331 16.04 -0.70 -13.85
CA SER A 331 15.15 0.46 -14.11
C SER A 331 14.33 0.75 -12.87
N ASP A 332 14.03 -0.28 -12.07
CA ASP A 332 13.22 -0.11 -10.84
C ASP A 332 14.08 -0.40 -9.63
N ASN A 333 15.34 0.02 -9.65
CA ASN A 333 16.17 -0.20 -8.46
C ASN A 333 15.93 0.90 -7.44
N PRO A 334 15.41 0.59 -6.25
CA PRO A 334 15.22 1.65 -5.24
C PRO A 334 16.52 2.34 -4.88
N GLY A 335 17.64 1.63 -5.02
CA GLY A 335 18.93 2.20 -4.73
C GLY A 335 19.32 3.31 -5.68
N GLY A 336 18.64 3.41 -6.80
CA GLY A 336 18.81 4.51 -7.72
C GLY A 336 17.71 5.55 -7.65
N GLY A 337 16.79 5.41 -6.70
CA GLY A 337 15.69 6.35 -6.54
C GLY A 337 14.37 5.88 -7.09
N ALA A 338 14.35 4.75 -7.79
CA ALA A 338 13.11 4.16 -8.26
C ALA A 338 12.24 3.71 -7.09
N SER A 339 10.93 3.62 -7.35
CA SER A 339 9.97 3.23 -6.33
C SER A 339 9.98 1.75 -6.01
N GLY A 340 10.47 0.92 -6.93
CA GLY A 340 10.53 -0.50 -6.66
C GLY A 340 9.18 -1.17 -6.70
N ASP A 341 8.27 -0.63 -7.52
CA ASP A 341 6.88 -1.14 -7.58
C ASP A 341 6.41 -1.34 -9.02
N ASN A 342 7.31 -1.31 -9.99
CA ASN A 342 6.92 -1.60 -11.40
C ASN A 342 6.71 -3.11 -11.51
N MET A 343 5.64 -3.54 -12.17
CA MET A 343 5.28 -4.97 -12.19
C MET A 343 5.29 -5.49 -13.64
N ALA A 344 6.11 -4.90 -14.49
CA ALA A 344 6.21 -5.34 -15.90
C ALA A 344 6.93 -6.67 -15.99
N LEU A 345 8.09 -6.79 -15.34
CA LEU A 345 8.88 -8.05 -15.38
C LEU A 345 8.04 -9.17 -14.77
N ALA A 346 7.34 -8.88 -13.69
CA ALA A 346 6.46 -9.88 -13.06
C ALA A 346 5.33 -10.22 -14.03
N ARG A 347 4.80 -9.20 -14.70
CA ARG A 347 3.78 -9.50 -15.71
C ARG A 347 4.37 -10.28 -16.87
N ALA A 348 5.56 -9.88 -17.32
CA ALA A 348 6.20 -10.57 -18.43
C ALA A 348 6.58 -12.00 -18.07
N MET A 349 7.00 -12.21 -16.83
CA MET A 349 7.36 -13.55 -16.38
C MET A 349 6.17 -14.48 -16.45
N LEU A 350 5.00 -14.01 -16.02
CA LEU A 350 3.83 -14.92 -15.96
C LEU A 350 3.28 -15.15 -17.37
N ASP A 351 3.50 -14.20 -18.28
CA ASP A 351 2.91 -14.33 -19.64
C ASP A 351 3.83 -15.13 -20.55
N ASN A 352 5.13 -15.14 -20.26
CA ASN A 352 6.11 -15.86 -21.10
C ASN A 352 6.56 -17.12 -20.35
N ASP A 353 5.79 -17.57 -19.36
CA ASP A 353 6.08 -18.83 -18.63
C ASP A 353 7.51 -18.87 -18.10
N LEU A 354 7.99 -17.78 -17.53
CA LEU A 354 9.34 -17.79 -16.89
C LEU A 354 9.18 -18.23 -15.44
N VAL A 355 8.71 -19.46 -15.23
CA VAL A 355 8.52 -20.03 -13.87
C VAL A 355 9.11 -21.43 -13.90
N PRO A 356 9.39 -22.17 -12.79
CA PRO A 356 9.37 -21.64 -11.43
C PRO A 356 10.27 -20.41 -11.23
N SER A 357 9.74 -19.39 -10.53
CA SER A 357 10.49 -18.11 -10.40
C SER A 357 10.18 -17.40 -9.09
N CYS A 358 10.99 -16.40 -8.75
CA CYS A 358 10.74 -15.56 -7.55
C CYS A 358 11.04 -14.10 -7.92
N ILE A 359 10.26 -13.15 -7.41
CA ILE A 359 10.52 -11.70 -7.67
C ILE A 359 10.40 -10.91 -6.35
N GLY A 360 11.21 -9.87 -6.19
CA GLY A 360 11.19 -9.04 -4.97
C GLY A 360 12.48 -8.27 -4.81
N PRO A 361 12.58 -7.33 -3.85
CA PRO A 361 11.45 -6.94 -3.03
C PRO A 361 10.56 -5.87 -3.68
N ILE A 362 9.25 -6.10 -3.73
CA ILE A 362 8.30 -5.13 -4.36
C ILE A 362 7.67 -4.28 -3.26
N TRP A 363 7.59 -2.97 -3.47
CA TRP A 363 7.07 -2.05 -2.42
C TRP A 363 5.59 -1.77 -2.64
N ASP A 364 4.74 -2.35 -1.79
CA ASP A 364 3.28 -2.10 -1.86
C ASP A 364 2.75 -2.26 -0.43
N PRO A 365 3.03 -1.29 0.47
CA PRO A 365 2.59 -1.38 1.85
C PRO A 365 1.12 -1.76 2.00
N LEU A 366 0.25 -1.23 1.14
CA LEU A 366 -1.16 -1.64 1.21
C LEU A 366 -1.32 -3.13 0.94
N ALA A 367 -0.64 -3.62 -0.10
CA ALA A 367 -0.72 -5.05 -0.41
C ALA A 367 -0.20 -5.89 0.74
N VAL A 368 0.85 -5.42 1.45
CA VAL A 368 1.31 -6.15 2.62
C VAL A 368 0.20 -6.23 3.68
N GLN A 369 -0.47 -5.10 3.92
CA GLN A 369 -1.56 -5.09 4.90
C GLN A 369 -2.67 -6.04 4.48
N LEU A 370 -3.05 -6.04 3.20
CA LEU A 370 -4.17 -6.85 2.76
C LEU A 370 -3.82 -8.34 2.83
N GLY A 371 -2.62 -8.71 2.41
CA GLY A 371 -2.22 -10.09 2.52
C GLY A 371 -2.16 -10.54 3.97
N PHE A 372 -1.75 -9.65 4.87
CA PHE A 372 -1.72 -10.02 6.27
C PHE A 372 -3.14 -10.21 6.79
N GLU A 373 -4.08 -9.41 6.34
CA GLU A 373 -5.45 -9.53 6.90
C GLU A 373 -6.08 -10.83 6.38
N ALA A 374 -5.70 -11.27 5.18
CA ALA A 374 -6.27 -12.49 4.58
C ALA A 374 -5.79 -13.74 5.33
N GLY A 375 -4.52 -13.75 5.71
CA GLY A 375 -3.99 -14.88 6.50
C GLY A 375 -3.15 -15.83 5.68
N LEU A 376 -2.25 -16.54 6.34
CA LEU A 376 -1.41 -17.53 5.65
C LEU A 376 -2.29 -18.62 5.07
N GLY A 377 -2.07 -18.96 3.81
CA GLY A 377 -2.82 -20.04 3.17
C GLY A 377 -4.04 -19.56 2.42
N ALA A 378 -4.19 -18.25 2.29
CA ALA A 378 -5.43 -17.71 1.67
C ALA A 378 -5.28 -17.62 0.16
N ASP A 379 -6.28 -18.13 -0.56
CA ASP A 379 -6.27 -18.03 -2.04
C ASP A 379 -7.16 -16.86 -2.40
N PHE A 380 -6.56 -15.75 -2.84
CA PHE A 380 -7.38 -14.54 -3.08
C PHE A 380 -6.73 -13.66 -4.15
N SER A 381 -7.46 -12.64 -4.58
CA SER A 381 -6.94 -11.70 -5.59
C SER A 381 -6.33 -10.48 -4.89
N LEU A 382 -5.16 -10.06 -5.33
CA LEU A 382 -4.44 -8.94 -4.74
C LEU A 382 -3.92 -8.07 -5.87
N ARG A 383 -4.10 -6.75 -5.73
CA ARG A 383 -3.49 -5.79 -6.64
C ARG A 383 -2.12 -5.40 -6.06
N VAL A 384 -1.06 -5.68 -6.81
CA VAL A 384 0.31 -5.51 -6.31
C VAL A 384 1.06 -4.50 -7.19
N GLY A 385 1.67 -3.51 -6.55
CA GLY A 385 2.50 -2.54 -7.25
C GLY A 385 1.73 -1.58 -8.15
N GLY A 386 2.49 -0.83 -8.94
CA GLY A 386 1.88 0.14 -9.82
C GLY A 386 1.16 1.26 -9.08
N LYS A 387 1.70 1.70 -7.95
CA LYS A 387 0.93 2.64 -7.09
C LYS A 387 1.58 4.02 -6.90
N VAL A 388 2.91 4.13 -6.90
CA VAL A 388 3.54 5.44 -6.57
C VAL A 388 3.34 6.47 -7.69
N GLY A 389 3.69 6.13 -8.94
CA GLY A 389 3.60 7.11 -10.03
C GLY A 389 3.50 6.45 -11.40
N GLU A 390 3.98 7.14 -12.44
CA GLU A 390 3.82 6.63 -13.83
C GLU A 390 4.93 5.64 -14.16
N ALA A 391 6.09 5.81 -13.53
CA ALA A 391 7.22 4.89 -13.76
C ALA A 391 6.88 3.53 -13.14
N SER A 392 5.84 3.49 -12.31
CA SER A 392 5.42 2.25 -11.62
C SER A 392 4.57 1.40 -12.56
N GLY A 393 4.10 1.97 -13.64
CA GLY A 393 3.28 1.24 -14.62
C GLY A 393 1.90 0.99 -14.05
N LEU A 394 1.12 0.15 -14.74
CA LEU A 394 -0.22 -0.21 -14.23
C LEU A 394 -0.08 -1.35 -13.22
N PRO A 395 -0.90 -1.38 -12.15
CA PRO A 395 -0.82 -2.43 -11.16
C PRO A 395 -1.03 -3.83 -11.74
N LEU A 396 -0.58 -4.87 -11.04
CA LEU A 396 -0.82 -6.26 -11.49
C LEU A 396 -1.84 -6.92 -10.57
N ASP A 397 -2.92 -7.43 -11.16
CA ASP A 397 -3.95 -8.16 -10.37
C ASP A 397 -3.51 -9.61 -10.30
N VAL A 398 -3.16 -10.07 -9.10
CA VAL A 398 -2.61 -11.44 -8.96
C VAL A 398 -3.60 -12.34 -8.25
N ARG A 399 -3.90 -13.50 -8.84
CA ARG A 399 -4.74 -14.48 -8.14
C ARG A 399 -3.80 -15.54 -7.60
N GLY A 400 -3.64 -15.60 -6.28
CA GLY A 400 -2.65 -16.54 -5.73
C GLY A 400 -2.90 -16.85 -4.27
N LYS A 401 -1.95 -17.56 -3.66
CA LYS A 401 -2.09 -17.95 -2.26
C LYS A 401 -1.02 -17.26 -1.43
N ILE A 402 -1.36 -16.85 -0.21
CA ILE A 402 -0.32 -16.28 0.69
C ILE A 402 0.51 -17.45 1.18
N THR A 403 1.73 -17.58 0.68
CA THR A 403 2.59 -18.75 1.01
C THR A 403 3.61 -18.34 2.05
N GLY A 404 3.60 -17.07 2.44
CA GLY A 404 4.58 -16.58 3.41
C GLY A 404 4.19 -15.27 4.04
N LEU A 405 4.46 -15.13 5.34
CA LEU A 405 4.19 -13.86 6.05
C LEU A 405 5.32 -13.71 7.07
N ALA A 406 6.08 -12.63 6.98
CA ALA A 406 7.15 -12.38 7.97
C ALA A 406 6.95 -11.01 8.61
N GLU A 407 7.28 -10.85 9.89
CA GLU A 407 6.97 -9.59 10.59
C GLU A 407 8.13 -8.59 10.52
N ASN A 408 9.38 -9.03 10.56
CA ASN A 408 10.43 -8.00 10.43
C ASN A 408 11.61 -8.63 9.70
N VAL A 409 11.49 -8.72 8.38
CA VAL A 409 12.62 -9.15 7.58
C VAL A 409 13.64 -8.03 7.51
N THR A 410 14.90 -8.38 7.68
CA THR A 410 16.04 -7.49 7.48
C THR A 410 17.04 -8.23 6.59
N GLN A 411 17.95 -7.47 5.97
CA GLN A 411 18.97 -8.07 5.13
C GLN A 411 20.33 -7.67 5.66
N ASN A 412 21.40 -8.32 5.18
CA ASN A 412 22.76 -7.99 5.61
C ASN A 412 23.40 -7.12 4.54
N LEU A 413 23.58 -5.85 4.86
CA LEU A 413 24.26 -4.87 3.99
C LEU A 413 25.49 -4.37 4.74
N GLN A 414 26.65 -4.90 4.35
CA GLN A 414 27.94 -4.45 4.87
C GLN A 414 27.87 -4.38 6.39
N GLY A 415 27.57 -5.54 6.97
CA GLY A 415 27.47 -5.68 8.41
C GLY A 415 26.16 -5.20 9.01
N SER A 416 25.53 -4.19 8.38
CA SER A 416 24.27 -3.62 8.87
C SER A 416 23.07 -4.45 8.42
N ARG A 417 21.92 -4.19 9.06
CA ARG A 417 20.69 -4.94 8.82
C ARG A 417 19.51 -4.03 8.46
N PRO A 418 19.49 -3.46 7.25
CA PRO A 418 18.38 -2.53 6.87
C PRO A 418 17.08 -3.28 6.67
N PRO A 419 16.00 -2.79 7.27
CA PRO A 419 14.76 -3.58 7.34
C PRO A 419 13.92 -3.52 6.07
N LEU A 420 13.29 -4.66 5.76
CA LEU A 420 12.16 -4.70 4.83
C LEU A 420 10.82 -4.54 5.54
N GLY A 421 10.79 -4.74 6.86
CA GLY A 421 9.55 -4.63 7.61
C GLY A 421 8.68 -5.87 7.43
N ARG A 422 7.37 -5.68 7.62
CA ARG A 422 6.40 -6.71 7.29
C ARG A 422 6.50 -7.10 5.81
N VAL A 423 6.52 -8.40 5.52
CA VAL A 423 6.71 -8.87 4.16
C VAL A 423 5.74 -10.01 3.88
N VAL A 424 5.29 -10.09 2.63
CA VAL A 424 4.31 -11.06 2.20
C VAL A 424 4.86 -11.77 0.99
N CYS A 425 4.54 -13.04 0.87
CA CYS A 425 4.79 -13.77 -0.36
C CYS A 425 3.44 -14.24 -0.86
N ILE A 426 3.15 -13.95 -2.13
CA ILE A 426 1.92 -14.46 -2.78
C ILE A 426 2.40 -15.29 -3.97
N SER A 427 1.97 -16.54 -4.05
CA SER A 427 2.46 -17.44 -5.12
C SER A 427 1.39 -17.58 -6.20
N THR A 428 1.75 -17.29 -7.45
CA THR A 428 0.79 -17.40 -8.59
C THR A 428 1.48 -18.06 -9.78
N ALA A 429 0.99 -19.22 -10.21
CA ALA A 429 1.49 -19.88 -11.43
C ALA A 429 3.01 -20.07 -11.44
N GLY A 430 3.62 -20.33 -10.28
CA GLY A 430 5.06 -20.62 -10.23
C GLY A 430 5.89 -19.42 -9.87
N LEU A 431 5.29 -18.23 -9.87
CA LEU A 431 6.02 -17.01 -9.47
C LEU A 431 5.77 -16.74 -8.00
N ASP A 432 6.85 -16.59 -7.22
CA ASP A 432 6.73 -16.22 -5.79
C ASP A 432 7.00 -14.72 -5.72
N ILE A 433 5.96 -13.91 -5.47
CA ILE A 433 6.11 -12.45 -5.51
C ILE A 433 6.29 -11.97 -4.07
N ILE A 434 7.47 -11.42 -3.77
CA ILE A 434 7.80 -10.91 -2.43
C ILE A 434 7.47 -9.41 -2.39
N VAL A 435 6.57 -9.02 -1.48
CA VAL A 435 6.15 -7.61 -1.36
C VAL A 435 6.55 -7.09 0.03
N SER A 436 7.10 -5.87 0.10
CA SER A 436 7.59 -5.29 1.37
C SER A 436 6.83 -4.03 1.76
N GLU A 437 6.83 -3.68 3.04
CA GLU A 437 6.17 -2.44 3.53
C GLU A 437 7.21 -1.33 3.57
N ILE A 438 8.49 -1.70 3.64
CA ILE A 438 9.58 -0.68 3.60
C ILE A 438 10.30 -0.84 2.25
N ARG A 439 10.44 0.25 1.50
CA ARG A 439 11.09 0.19 0.20
C ARG A 439 12.59 -0.08 0.33
N ASP A 440 13.10 -1.05 -0.42
CA ASP A 440 14.54 -1.31 -0.49
C ASP A 440 14.82 -2.27 -1.65
N GLN A 441 16.09 -2.45 -1.94
CA GLN A 441 16.44 -3.32 -3.02
C GLN A 441 16.63 -4.73 -2.46
N CYS A 442 17.08 -5.65 -3.31
CA CYS A 442 17.42 -7.00 -2.84
C CYS A 442 18.92 -7.06 -2.64
N TYR A 443 19.36 -7.55 -1.47
CA TYR A 443 20.81 -7.58 -1.16
C TYR A 443 21.28 -9.02 -1.05
N GLY A 444 20.42 -9.96 -1.44
CA GLY A 444 20.79 -11.38 -1.38
C GLY A 444 19.60 -12.31 -1.32
N PRO A 445 19.80 -13.64 -1.19
CA PRO A 445 18.70 -14.60 -1.24
C PRO A 445 18.01 -14.92 0.08
N ASP A 446 18.47 -14.34 1.19
CA ASP A 446 17.90 -14.67 2.52
C ASP A 446 16.59 -13.93 2.72
N MET A 447 16.34 -12.88 1.93
CA MET A 447 15.06 -12.15 2.03
C MET A 447 13.94 -13.02 1.46
N PHE A 448 14.28 -13.86 0.48
CA PHE A 448 13.28 -14.77 -0.12
C PHE A 448 13.13 -15.99 0.77
N ARG A 449 14.23 -16.45 1.35
CA ARG A 449 14.23 -17.64 2.24
C ARG A 449 13.41 -17.31 3.47
N ALA A 450 13.52 -16.09 3.96
CA ALA A 450 12.67 -15.65 5.06
C ALA A 450 11.18 -15.87 4.79
N LEU A 451 10.77 -15.97 3.52
CA LEU A 451 9.37 -16.14 3.17
C LEU A 451 9.10 -17.53 2.58
N GLY A 452 10.00 -18.49 2.84
CA GLY A 452 9.80 -19.86 2.40
C GLY A 452 10.16 -20.17 0.97
N VAL A 453 10.89 -19.29 0.29
CA VAL A 453 11.26 -19.43 -1.11
C VAL A 453 12.76 -19.70 -1.17
N GLU A 454 13.16 -20.74 -1.90
CA GLU A 454 14.59 -20.98 -2.09
C GLU A 454 14.99 -20.58 -3.49
N PRO A 455 15.66 -19.44 -3.65
CA PRO A 455 15.99 -18.97 -5.01
C PRO A 455 16.91 -19.88 -5.79
N ALA A 456 17.76 -20.67 -5.13
CA ALA A 456 18.68 -21.49 -5.91
C ALA A 456 17.97 -22.57 -6.72
N ASN A 457 16.80 -23.02 -6.26
CA ASN A 457 16.05 -24.01 -7.00
C ASN A 457 15.14 -23.42 -8.08
N LYS A 458 15.21 -22.11 -8.32
CA LYS A 458 14.33 -21.47 -9.29
C LYS A 458 14.95 -21.46 -10.68
N ARG A 459 14.09 -21.34 -11.69
CA ARG A 459 14.63 -21.11 -13.02
C ARG A 459 15.04 -19.67 -13.20
N TYR A 460 14.30 -18.74 -12.61
CA TYR A 460 14.55 -17.31 -12.79
C TYR A 460 14.38 -16.61 -11.46
N VAL A 461 15.35 -15.77 -11.09
CA VAL A 461 15.31 -15.01 -9.86
C VAL A 461 15.41 -13.54 -10.24
N ALA A 462 14.29 -12.82 -10.10
CA ALA A 462 14.22 -11.42 -10.50
C ALA A 462 14.40 -10.56 -9.26
N VAL A 463 15.31 -9.58 -9.34
CA VAL A 463 15.67 -8.77 -8.18
C VAL A 463 15.52 -7.29 -8.50
N LYS A 464 14.99 -6.54 -7.55
CA LYS A 464 14.87 -5.09 -7.66
C LYS A 464 16.20 -4.59 -7.11
N SER A 465 17.14 -4.38 -8.01
CA SER A 465 18.50 -4.04 -7.61
C SER A 465 19.25 -3.65 -8.86
N SER A 466 20.52 -3.30 -8.68
CA SER A 466 21.32 -2.95 -9.82
C SER A 466 22.59 -3.77 -9.77
N GLU A 467 23.43 -3.49 -8.78
CA GLU A 467 24.65 -4.26 -8.59
C GLU A 467 24.86 -4.75 -7.16
N GLN A 468 24.20 -4.16 -6.16
CA GLN A 468 24.42 -4.55 -4.78
C GLN A 468 23.81 -5.90 -4.40
N TRP A 469 22.91 -6.44 -5.24
CA TRP A 469 22.45 -7.82 -5.04
C TRP A 469 23.60 -8.80 -5.09
N ARG A 470 24.65 -8.48 -5.86
CA ARG A 470 25.73 -9.45 -6.02
C ARG A 470 26.44 -9.74 -4.70
N ILE A 471 26.27 -8.87 -3.70
CA ILE A 471 26.83 -9.09 -2.37
C ILE A 471 26.39 -10.45 -1.86
N GLY A 472 25.08 -10.67 -1.74
CA GLY A 472 24.58 -11.92 -1.12
C GLY A 472 24.37 -13.09 -2.06
N PHE A 473 24.13 -12.85 -3.33
CA PHE A 473 23.79 -13.98 -4.24
C PHE A 473 25.05 -14.77 -4.60
N GLY A 474 26.20 -14.09 -4.70
CA GLY A 474 27.48 -14.78 -4.98
C GLY A 474 27.50 -15.52 -6.31
N ASP A 475 27.70 -16.83 -6.27
CA ASP A 475 27.83 -17.65 -7.50
C ASP A 475 26.53 -18.39 -7.81
N MET A 476 25.43 -17.99 -7.19
CA MET A 476 24.17 -18.73 -7.38
C MET A 476 23.79 -18.65 -8.86
N GLY A 477 24.04 -17.51 -9.48
CA GLY A 477 23.59 -17.33 -10.87
C GLY A 477 24.47 -17.98 -11.92
N ARG A 478 23.85 -18.71 -12.84
CA ARG A 478 24.60 -19.30 -13.97
C ARG A 478 24.51 -18.32 -15.13
N SER A 479 23.56 -17.37 -15.06
CA SER A 479 23.37 -16.34 -16.09
C SER A 479 22.74 -15.09 -15.48
N VAL A 480 23.08 -13.91 -15.99
CA VAL A 480 22.43 -12.65 -15.51
C VAL A 480 21.94 -11.87 -16.73
N ILE A 481 20.71 -11.36 -16.67
CA ILE A 481 20.18 -10.52 -17.77
C ILE A 481 19.66 -9.21 -17.18
N TYR A 482 20.37 -8.11 -17.42
CA TYR A 482 19.87 -6.79 -17.01
C TYR A 482 18.68 -6.39 -17.87
N VAL A 483 17.50 -6.23 -17.26
CA VAL A 483 16.28 -6.04 -18.03
C VAL A 483 16.08 -4.55 -18.31
N ALA A 484 15.62 -4.24 -19.50
CA ALA A 484 15.39 -2.83 -19.88
C ALA A 484 14.08 -2.33 -19.28
N SER A 485 13.85 -1.02 -19.35
CA SER A 485 12.59 -0.42 -18.83
C SER A 485 11.43 -0.77 -19.75
N SER A 486 10.27 -0.99 -19.17
CA SER A 486 9.05 -1.26 -19.96
C SER A 486 8.50 0.08 -20.42
N GLN A 487 9.15 1.17 -20.00
CA GLN A 487 8.62 2.52 -20.30
C GLN A 487 9.73 3.35 -20.95
N GLN A 488 10.43 2.77 -21.93
CA GLN A 488 11.48 3.52 -22.65
C GLN A 488 10.81 4.60 -23.51
N SER A 489 9.54 4.40 -23.85
CA SER A 489 8.78 5.41 -24.64
C SER A 489 8.64 6.68 -23.82
N SER A 490 8.42 6.55 -22.50
CA SER A 490 8.33 7.74 -21.63
C SER A 490 9.74 8.31 -21.45
N ILE A 491 10.01 9.47 -22.07
CA ILE A 491 11.38 10.05 -22.01
C ILE A 491 11.48 11.06 -20.87
N ARG A 492 12.62 11.10 -20.18
CA ARG A 492 12.83 12.06 -19.06
C ARG A 492 12.94 13.47 -19.64
N HIS A 493 12.14 14.40 -19.14
CA HIS A 493 12.24 15.80 -19.60
C HIS A 493 13.04 16.60 -18.57
N TYR A 494 14.25 17.01 -18.94
CA TYR A 494 15.08 17.83 -18.03
C TYR A 494 14.70 19.30 -18.22
N HIS A 495 14.69 20.05 -17.13
CA HIS A 495 14.32 21.45 -17.18
C HIS A 495 15.46 22.40 -16.87
N LYS A 496 16.48 21.92 -16.16
CA LYS A 496 17.57 22.79 -15.69
C LYS A 496 18.95 22.17 -15.93
N ARG A 497 19.03 21.19 -16.83
CA ARG A 497 20.31 20.51 -17.13
C ARG A 497 21.14 21.38 -18.08
N SER A 498 22.46 21.36 -17.92
CA SER A 498 23.35 22.11 -18.83
C SER A 498 23.37 21.43 -20.19
N ARG A 499 23.23 22.20 -21.25
CA ARG A 499 23.30 21.66 -22.63
C ARG A 499 24.34 22.50 -23.37
N PRO A 500 25.32 21.92 -24.07
CA PRO A 500 25.26 20.52 -24.47
C PRO A 500 25.92 19.58 -23.45
N MET A 501 25.36 18.38 -23.28
CA MET A 501 25.95 17.37 -22.38
C MET A 501 25.82 15.99 -23.01
N TRP A 502 26.84 15.16 -22.85
CA TRP A 502 26.84 13.79 -23.41
C TRP A 502 26.18 12.83 -22.41
N PRO A 503 25.32 11.90 -22.89
CA PRO A 503 25.21 11.69 -24.32
C PRO A 503 23.90 12.27 -24.88
N PHE A 504 23.29 13.21 -24.15
CA PHE A 504 21.99 13.80 -24.58
C PHE A 504 22.18 14.59 -25.89
N GLU A 505 23.32 15.25 -26.05
CA GLU A 505 23.53 16.11 -27.24
C GLU A 505 25.00 16.07 -27.66
N PRO A 506 25.34 16.30 -28.94
CA PRO A 506 26.74 16.37 -29.35
C PRO A 506 27.48 17.58 -28.76
N VAL A 507 28.74 17.40 -28.36
CA VAL A 507 29.58 18.51 -27.83
C VAL A 507 30.65 18.79 -28.87
N LEU A 508 30.76 20.03 -29.34
CA LEU A 508 31.68 20.34 -30.45
C LEU A 508 32.67 21.46 -30.11
N GLU A 509 32.75 21.85 -28.83
CA GLU A 509 33.66 22.93 -28.40
C GLU A 509 34.26 22.57 -27.05
N HIS A 510 35.53 22.89 -26.83
CA HIS A 510 36.22 22.51 -25.57
C HIS A 510 37.11 23.65 -25.10
N HIS A 511 36.93 24.86 -25.64
CA HIS A 511 37.82 26.01 -25.30
C HIS A 511 37.02 27.19 -24.75
N HIS A 512 35.68 27.14 -24.83
CA HIS A 512 34.80 28.23 -24.32
C HIS A 512 34.56 29.29 -25.41
N ARG B 28 -37.66 -23.27 34.27
CA ARG B 28 -37.21 -22.34 33.21
C ARG B 28 -36.38 -23.12 32.19
N LEU B 29 -36.75 -23.04 30.92
CA LEU B 29 -35.99 -23.70 29.83
C LEU B 29 -34.63 -23.03 29.70
N ARG B 30 -33.57 -23.82 29.55
CA ARG B 30 -32.21 -23.24 29.35
C ARG B 30 -32.01 -23.02 27.85
N VAL B 31 -31.71 -21.78 27.47
CA VAL B 31 -31.58 -21.40 26.06
C VAL B 31 -30.25 -20.70 25.87
N PHE B 32 -29.40 -21.25 24.99
CA PHE B 32 -28.10 -20.61 24.67
C PHE B 32 -28.26 -19.77 23.41
N VAL B 33 -27.78 -18.53 23.44
CA VAL B 33 -27.95 -17.62 22.29
C VAL B 33 -26.59 -17.03 21.92
N ALA B 34 -26.31 -16.91 20.62
CA ALA B 34 -25.05 -16.30 20.16
C ALA B 34 -25.21 -15.88 18.70
N THR B 35 -24.31 -15.02 18.22
CA THR B 35 -24.39 -14.57 16.82
C THR B 35 -23.00 -14.48 16.18
N LEU B 36 -22.83 -15.10 15.01
CA LEU B 36 -21.57 -14.94 14.24
C LEU B 36 -22.02 -14.75 12.80
N GLY B 37 -21.75 -13.59 12.22
CA GLY B 37 -22.28 -13.37 10.88
C GLY B 37 -21.59 -12.28 10.08
N THR B 38 -21.74 -12.33 8.77
CA THR B 38 -21.18 -11.30 7.86
C THR B 38 -21.71 -11.64 6.48
N GLU B 39 -21.97 -10.63 5.67
CA GLU B 39 -22.44 -10.82 4.30
C GLU B 39 -21.22 -10.70 3.38
N THR B 40 -20.65 -11.84 3.03
CA THR B 40 -19.36 -11.84 2.35
C THR B 40 -19.49 -11.53 0.88
N ASN B 41 -18.70 -10.56 0.40
CA ASN B 41 -18.63 -10.29 -1.06
C ASN B 41 -17.29 -10.84 -1.54
N SER B 42 -17.31 -11.95 -2.27
CA SER B 42 -16.06 -12.61 -2.70
C SER B 42 -15.27 -11.67 -3.61
N PHE B 43 -15.89 -10.60 -4.07
CA PHE B 43 -15.22 -9.70 -5.04
C PHE B 43 -14.75 -8.41 -4.36
N SER B 44 -14.76 -8.37 -3.03
CA SER B 44 -14.21 -7.19 -2.32
C SER B 44 -12.73 -7.47 -2.04
N PRO B 45 -11.85 -6.47 -2.19
CA PRO B 45 -10.43 -6.67 -1.97
C PRO B 45 -10.06 -6.53 -0.49
N LEU B 46 -11.02 -6.13 0.35
CA LEU B 46 -10.75 -5.88 1.78
C LEU B 46 -11.13 -7.11 2.61
N PRO B 47 -10.16 -7.88 3.12
CA PRO B 47 -10.45 -9.08 3.89
C PRO B 47 -11.08 -8.73 5.24
N THR B 48 -11.93 -9.61 5.74
CA THR B 48 -12.62 -9.38 7.05
C THR B 48 -11.91 -10.16 8.17
N GLY B 49 -11.25 -9.45 9.07
CA GLY B 49 -10.59 -10.09 10.22
C GLY B 49 -11.20 -9.59 11.52
N LEU B 50 -10.58 -9.88 12.66
CA LEU B 50 -11.20 -9.49 13.92
C LEU B 50 -11.51 -7.99 13.96
N ASP B 51 -10.61 -7.17 13.40
CA ASP B 51 -10.80 -5.72 13.40
C ASP B 51 -12.17 -5.34 12.83
N ALA B 52 -12.52 -5.92 11.68
CA ALA B 52 -13.80 -5.57 11.09
C ALA B 52 -14.95 -5.93 12.02
N PHE B 53 -14.82 -7.04 12.73
CA PHE B 53 -15.89 -7.46 13.67
C PHE B 53 -15.91 -6.50 14.87
N ARG B 54 -14.75 -6.05 15.32
CA ARG B 54 -14.65 -5.20 16.54
C ARG B 54 -15.20 -3.80 16.24
N ALA B 55 -15.23 -3.40 14.98
CA ALA B 55 -15.69 -2.04 14.61
C ALA B 55 -17.19 -2.03 14.37
N THR B 56 -17.82 -3.20 14.30
CA THR B 56 -19.29 -3.27 14.11
C THR B 56 -19.92 -3.98 15.31
N MET B 57 -19.56 -5.24 15.57
CA MET B 57 -20.19 -5.97 16.68
C MET B 57 -19.32 -7.14 17.15
N LEU B 58 -18.58 -6.94 18.23
CA LEU B 58 -17.83 -8.06 18.86
C LEU B 58 -18.21 -8.01 20.33
N TRP B 59 -19.44 -8.42 20.64
CA TRP B 59 -19.95 -8.31 22.03
C TRP B 59 -19.78 -9.65 22.75
N ARG B 60 -18.79 -9.72 23.64
CA ARG B 60 -18.56 -10.96 24.41
C ARG B 60 -19.70 -11.14 25.39
N PRO B 61 -19.83 -12.32 26.04
CA PRO B 61 -20.93 -12.58 26.95
C PRO B 61 -21.09 -11.46 27.97
N GLY B 62 -22.26 -10.82 28.00
CA GLY B 62 -22.55 -9.77 28.99
C GLY B 62 -22.35 -8.37 28.45
N GLU B 63 -22.29 -8.22 27.14
CA GLU B 63 -21.99 -6.87 26.57
C GLU B 63 -23.03 -6.49 25.51
N HIS B 64 -23.97 -7.38 25.21
CA HIS B 64 -25.04 -7.01 24.24
C HIS B 64 -25.86 -5.89 24.84
N PRO B 65 -25.94 -4.71 24.18
CA PRO B 65 -26.63 -3.57 24.75
C PRO B 65 -28.16 -3.73 24.84
N ASP B 66 -28.83 -2.74 25.45
CA ASP B 66 -30.27 -2.79 25.59
C ASP B 66 -30.99 -2.24 24.36
N PHE B 67 -30.51 -2.69 23.20
CA PHE B 67 -31.13 -2.30 21.92
C PHE B 67 -31.03 -3.52 21.01
N ALA B 68 -31.92 -3.62 20.02
CA ALA B 68 -31.94 -4.82 19.16
C ALA B 68 -31.12 -4.59 17.89
N THR B 69 -30.64 -5.66 17.27
CA THR B 69 -29.88 -5.58 16.01
C THR B 69 -30.44 -6.61 15.04
N GLU B 70 -30.16 -6.47 13.75
CA GLU B 70 -30.70 -7.40 12.73
C GLU B 70 -29.90 -8.69 12.73
N ALA B 71 -28.84 -8.75 13.53
CA ALA B 71 -27.97 -9.93 13.57
C ALA B 71 -28.16 -10.70 14.87
N THR B 72 -28.87 -10.11 15.84
CA THR B 72 -29.01 -10.73 17.15
C THR B 72 -30.46 -10.95 17.54
N GLY B 73 -31.31 -11.29 16.56
CA GLY B 73 -32.70 -11.56 16.83
C GLY B 73 -32.93 -12.54 17.97
N PRO B 74 -32.36 -13.76 17.88
CA PRO B 74 -32.58 -14.79 18.90
C PRO B 74 -32.33 -14.28 20.33
N LEU B 75 -31.25 -13.52 20.55
CA LEU B 75 -30.92 -13.07 21.92
C LEU B 75 -32.01 -12.13 22.42
N TRP B 76 -32.45 -11.21 21.57
CA TRP B 76 -33.46 -10.21 22.00
C TRP B 76 -34.74 -10.95 22.38
N ALA B 77 -35.22 -11.81 21.48
CA ALA B 77 -36.49 -12.51 21.72
C ALA B 77 -36.38 -13.36 22.97
N ALA B 78 -35.21 -13.95 23.19
CA ALA B 78 -35.00 -14.79 24.38
C ALA B 78 -35.06 -13.92 25.63
N ARG B 79 -34.23 -12.88 25.66
CA ARG B 79 -34.21 -11.98 26.83
C ARG B 79 -35.64 -11.66 27.20
N GLU B 80 -36.46 -11.29 26.21
CA GLU B 80 -37.88 -10.99 26.47
C GLU B 80 -38.51 -12.22 27.10
N ARG B 81 -38.50 -13.35 26.42
CA ARG B 81 -39.18 -14.56 26.95
C ARG B 81 -38.59 -14.88 28.33
N ALA B 82 -37.38 -14.41 28.60
CA ALA B 82 -36.80 -14.61 29.95
C ALA B 82 -37.58 -13.77 30.95
N ARG B 83 -37.83 -12.50 30.61
CA ARG B 83 -38.65 -11.64 31.49
C ARG B 83 -39.98 -12.36 31.74
N GLU B 84 -40.60 -12.86 30.68
CA GLU B 84 -41.88 -13.61 30.84
C GLU B 84 -41.67 -14.71 31.88
N GLY B 85 -40.43 -15.17 32.04
CA GLY B 85 -40.14 -16.15 33.10
C GLY B 85 -40.26 -17.59 32.64
N ARG B 86 -40.09 -17.85 31.35
CA ARG B 86 -40.09 -19.27 30.88
C ARG B 86 -38.70 -19.67 30.40
N TYR B 87 -37.78 -18.72 30.23
CA TYR B 87 -36.47 -19.07 29.65
C TYR B 87 -35.30 -18.60 30.51
N GLU B 88 -34.24 -19.39 30.54
CA GLU B 88 -32.98 -18.95 31.21
C GLU B 88 -31.96 -18.78 30.09
N VAL B 89 -31.80 -17.55 29.61
CA VAL B 89 -30.90 -17.29 28.46
C VAL B 89 -29.44 -17.29 28.91
N ILE B 90 -28.61 -18.11 28.26
CA ILE B 90 -27.15 -18.05 28.52
C ILE B 90 -26.58 -17.37 27.28
N GLU B 91 -26.19 -16.11 27.39
CA GLU B 91 -25.76 -15.35 26.19
C GLU B 91 -24.30 -15.67 25.87
N GLY B 92 -24.01 -15.88 24.58
CA GLY B 92 -22.62 -16.10 24.16
C GLY B 92 -22.14 -14.92 23.35
N THR B 93 -20.97 -15.05 22.71
CA THR B 93 -20.42 -13.88 22.00
C THR B 93 -21.32 -13.54 20.83
N CYS B 94 -21.59 -12.26 20.63
CA CYS B 94 -22.37 -11.82 19.45
C CYS B 94 -21.37 -11.13 18.53
N ALA B 95 -21.04 -11.75 17.41
CA ALA B 95 -19.99 -11.20 16.53
C ALA B 95 -20.53 -10.97 15.13
N PHE B 96 -20.49 -9.72 14.65
CA PHE B 96 -20.94 -9.41 13.27
C PHE B 96 -20.00 -8.40 12.64
N ALA B 97 -19.93 -8.41 11.30
CA ALA B 97 -18.99 -7.50 10.60
C ALA B 97 -19.69 -6.86 9.40
N MET B 98 -19.21 -5.70 9.00
CA MET B 98 -19.83 -4.96 7.87
C MET B 98 -19.56 -5.72 6.59
N PRO B 99 -20.27 -5.43 5.49
CA PRO B 99 -20.05 -6.10 4.23
C PRO B 99 -18.57 -5.97 3.84
N GLY B 100 -17.95 -7.07 3.45
CA GLY B 100 -16.54 -7.06 3.08
C GLY B 100 -16.11 -8.34 2.40
N GLY B 101 -14.80 -8.52 2.24
CA GLY B 101 -14.28 -9.72 1.58
C GLY B 101 -14.29 -10.91 2.52
N PRO B 102 -13.71 -12.06 2.11
CA PRO B 102 -13.78 -13.25 2.94
C PRO B 102 -13.22 -13.03 4.34
N VAL B 103 -13.68 -13.83 5.29
CA VAL B 103 -13.18 -13.72 6.70
C VAL B 103 -11.88 -14.51 6.80
N SER B 104 -10.95 -14.02 7.62
CA SER B 104 -9.68 -14.75 7.84
C SER B 104 -9.98 -16.09 8.50
N ALA B 105 -9.26 -17.13 8.11
CA ALA B 105 -9.43 -18.44 8.76
C ALA B 105 -9.13 -18.32 10.26
N GLN B 106 -8.15 -17.51 10.61
CA GLN B 106 -7.75 -17.35 12.04
C GLN B 106 -8.89 -16.69 12.81
N ALA B 107 -9.67 -15.84 12.15
CA ALA B 107 -10.74 -15.10 12.85
C ALA B 107 -11.97 -15.99 12.98
N TYR B 108 -12.38 -16.62 11.88
CA TYR B 108 -13.53 -17.54 11.95
C TYR B 108 -13.28 -18.54 13.07
N GLN B 109 -12.09 -19.12 13.11
CA GLN B 109 -11.84 -20.18 14.10
C GLN B 109 -11.91 -19.63 15.52
N LEU B 110 -11.34 -18.45 15.75
CA LEU B 110 -11.34 -17.84 17.10
C LEU B 110 -12.78 -17.56 17.54
N LEU B 111 -13.58 -16.96 16.66
CA LEU B 111 -14.96 -16.58 17.03
C LEU B 111 -15.81 -17.84 17.14
N ARG B 112 -15.62 -18.79 16.21
CA ARG B 112 -16.45 -20.02 16.22
C ARG B 112 -16.08 -20.87 17.43
N ASP B 113 -14.81 -20.88 17.80
CA ASP B 113 -14.35 -21.74 18.91
C ASP B 113 -14.65 -21.05 20.23
N GLU B 114 -14.61 -19.72 20.24
CA GLU B 114 -15.01 -19.04 21.46
C GLU B 114 -16.49 -19.30 21.77
N ILE B 115 -17.34 -19.22 20.74
CA ILE B 115 -18.77 -19.47 20.93
C ILE B 115 -19.00 -20.92 21.34
N LEU B 116 -18.40 -21.86 20.63
CA LEU B 116 -18.66 -23.29 20.93
C LEU B 116 -18.20 -23.63 22.35
N ASP B 117 -17.21 -22.91 22.86
CA ASP B 117 -16.68 -23.20 24.23
C ASP B 117 -17.66 -22.67 25.26
N GLN B 118 -18.34 -21.57 24.95
CA GLN B 118 -19.32 -21.00 25.89
C GLN B 118 -20.48 -21.99 26.03
N LEU B 119 -20.90 -22.60 24.94
CA LEU B 119 -22.02 -23.57 24.98
C LEU B 119 -21.60 -24.76 25.83
N ARG B 120 -20.34 -25.17 25.71
CA ARG B 120 -19.82 -26.30 26.52
C ARG B 120 -19.86 -25.90 27.99
N ARG B 121 -19.43 -24.68 28.29
CA ARG B 121 -19.37 -24.24 29.70
C ARG B 121 -20.78 -23.93 30.18
N ALA B 122 -21.78 -24.20 29.36
CA ALA B 122 -23.16 -23.82 29.74
C ALA B 122 -24.08 -25.04 29.71
N MET B 123 -23.53 -26.20 29.40
CA MET B 123 -24.36 -27.43 29.40
C MET B 123 -24.66 -27.79 30.85
N PRO B 124 -25.89 -28.25 31.21
CA PRO B 124 -26.86 -28.69 30.21
C PRO B 124 -27.75 -27.55 29.69
N VAL B 125 -28.24 -27.68 28.46
CA VAL B 125 -29.12 -26.65 27.85
C VAL B 125 -30.26 -27.36 27.14
N ASP B 126 -31.35 -26.64 26.84
CA ASP B 126 -32.52 -27.27 26.21
C ASP B 126 -32.69 -26.74 24.78
N ILE B 127 -32.27 -25.50 24.54
CA ILE B 127 -32.43 -24.89 23.18
C ILE B 127 -31.18 -24.08 22.82
N VAL B 128 -30.69 -24.23 21.59
CA VAL B 128 -29.57 -23.45 21.10
C VAL B 128 -30.07 -22.73 19.87
N ALA B 129 -29.96 -21.40 19.88
CA ALA B 129 -30.45 -20.57 18.79
C ALA B 129 -29.37 -19.56 18.41
N PHE B 130 -28.90 -19.62 17.15
CA PHE B 130 -27.86 -18.71 16.69
C PHE B 130 -28.47 -17.66 15.77
N GLY B 131 -28.00 -16.43 15.92
CA GLY B 131 -28.24 -15.41 14.92
C GLY B 131 -27.11 -15.49 13.92
N LEU B 132 -27.38 -16.09 12.76
CA LEU B 132 -26.37 -16.26 11.72
C LEU B 132 -26.75 -15.42 10.50
N HIS B 133 -25.79 -15.15 9.64
CA HIS B 133 -26.21 -14.49 8.42
C HIS B 133 -26.62 -15.50 7.36
N GLY B 134 -25.73 -16.44 7.06
CA GLY B 134 -25.97 -17.47 6.07
C GLY B 134 -25.10 -17.36 4.83
N ALA B 135 -24.41 -16.24 4.65
CA ALA B 135 -23.56 -16.01 3.48
C ALA B 135 -22.17 -15.57 3.92
N MET B 136 -21.74 -16.07 5.07
CA MET B 136 -20.38 -15.83 5.52
C MET B 136 -19.42 -16.79 4.82
N LEU B 137 -18.54 -16.25 4.00
CA LEU B 137 -17.52 -17.10 3.35
C LEU B 137 -16.17 -16.80 4.02
N ALA B 138 -15.43 -17.83 4.39
CA ALA B 138 -14.10 -17.64 5.01
C ALA B 138 -13.06 -18.30 4.12
N PHE B 139 -11.82 -17.83 4.21
CA PHE B 139 -10.73 -18.46 3.44
C PHE B 139 -10.54 -19.88 3.98
N GLY B 140 -10.93 -20.87 3.19
CA GLY B 140 -10.78 -22.28 3.61
C GLY B 140 -12.10 -22.90 4.01
N GLU B 141 -13.14 -22.09 4.17
CA GLU B 141 -14.44 -22.63 4.64
C GLU B 141 -15.58 -22.06 3.82
N ASP B 142 -16.25 -22.90 3.04
CA ASP B 142 -17.41 -22.48 2.29
C ASP B 142 -18.72 -22.75 3.01
N GLU B 143 -18.68 -23.49 4.11
CA GLU B 143 -19.90 -23.80 4.85
C GLU B 143 -19.75 -23.36 6.30
N CYS B 144 -19.48 -22.07 6.51
CA CYS B 144 -19.24 -21.58 7.86
C CYS B 144 -20.42 -21.90 8.77
N GLU B 145 -21.62 -21.54 8.33
CA GLU B 145 -22.80 -21.72 9.17
C GLU B 145 -23.02 -23.20 9.49
N ALA B 146 -22.93 -24.06 8.49
CA ALA B 146 -23.13 -25.49 8.77
C ALA B 146 -22.03 -26.06 9.65
N ASP B 147 -20.78 -25.63 9.40
CA ASP B 147 -19.68 -26.05 10.27
C ASP B 147 -19.95 -25.63 11.70
N LEU B 148 -20.39 -24.37 11.90
CA LEU B 148 -20.65 -23.92 13.25
C LEU B 148 -21.79 -24.70 13.86
N LEU B 149 -22.84 -24.95 13.08
CA LEU B 149 -23.97 -25.72 13.58
C LEU B 149 -23.59 -27.16 13.86
N GLU B 150 -22.77 -27.77 12.99
CA GLU B 150 -22.39 -29.17 13.20
C GLU B 150 -21.53 -29.32 14.45
N ARG B 151 -20.64 -28.34 14.71
CA ARG B 151 -19.85 -28.40 15.93
C ARG B 151 -20.73 -28.19 17.16
N ALA B 152 -21.77 -27.37 17.02
CA ALA B 152 -22.75 -27.20 18.09
C ALA B 152 -23.51 -28.50 18.32
N ARG B 153 -23.92 -29.18 17.25
CA ARG B 153 -24.58 -30.45 17.40
C ARG B 153 -23.70 -31.44 18.12
N ALA B 154 -22.39 -31.41 17.82
CA ALA B 154 -21.49 -32.34 18.46
C ALA B 154 -21.45 -32.19 19.97
N ILE B 155 -21.76 -31.01 20.49
CA ILE B 155 -21.61 -30.79 21.97
C ILE B 155 -22.93 -31.01 22.70
N VAL B 156 -24.05 -30.63 22.10
CA VAL B 156 -25.36 -30.68 22.81
C VAL B 156 -26.03 -32.04 22.64
N GLY B 157 -25.96 -32.62 21.44
CA GLY B 157 -26.62 -33.90 21.19
C GLY B 157 -27.82 -33.74 20.28
N PRO B 158 -28.54 -34.82 19.93
CA PRO B 158 -29.64 -34.74 19.00
C PRO B 158 -30.98 -34.38 19.67
N ASP B 159 -30.99 -34.32 20.99
CA ASP B 159 -32.23 -34.04 21.71
C ASP B 159 -32.30 -32.60 22.21
N VAL B 160 -31.24 -31.82 22.02
CA VAL B 160 -31.30 -30.38 22.21
C VAL B 160 -31.82 -29.76 20.92
N ALA B 161 -32.77 -28.83 21.04
CA ALA B 161 -33.32 -28.16 19.87
C ALA B 161 -32.31 -27.15 19.38
N LEU B 162 -31.85 -27.32 18.16
CA LEU B 162 -30.76 -26.53 17.62
C LEU B 162 -31.26 -25.87 16.35
N GLY B 163 -31.23 -24.55 16.32
CA GLY B 163 -31.73 -23.81 15.17
C GLY B 163 -30.97 -22.52 14.99
N ALA B 164 -31.26 -21.85 13.88
CA ALA B 164 -30.63 -20.55 13.63
C ALA B 164 -31.56 -19.64 12.83
N GLU B 165 -31.38 -18.34 12.99
CA GLU B 165 -32.05 -17.36 12.17
C GLU B 165 -31.07 -16.88 11.11
N LEU B 166 -31.54 -16.64 9.88
CA LEU B 166 -30.61 -16.28 8.79
C LEU B 166 -31.14 -15.09 7.98
N ASP B 167 -30.26 -14.42 7.24
CA ASP B 167 -30.69 -13.33 6.33
C ASP B 167 -31.27 -13.98 5.08
N LEU B 168 -32.23 -13.33 4.41
CA LEU B 168 -32.79 -13.87 3.15
C LEU B 168 -31.72 -13.80 2.07
N HIS B 169 -30.67 -13.01 2.31
CA HIS B 169 -29.54 -12.89 1.36
C HIS B 169 -28.49 -13.95 1.71
N ALA B 170 -28.92 -15.16 2.06
CA ALA B 170 -27.97 -16.18 2.55
C ALA B 170 -27.67 -17.24 1.49
N HIS B 171 -26.68 -18.08 1.76
CA HIS B 171 -26.31 -19.19 0.85
C HIS B 171 -26.80 -20.47 1.49
N LEU B 172 -27.92 -21.03 1.02
CA LEU B 172 -28.52 -22.19 1.70
C LEU B 172 -28.03 -23.50 1.07
N SER B 173 -27.45 -24.37 1.90
CA SER B 173 -26.97 -25.69 1.43
C SER B 173 -27.81 -26.77 2.10
N GLN B 174 -27.89 -27.95 1.51
CA GLN B 174 -28.62 -29.07 2.17
C GLN B 174 -27.84 -29.45 3.42
N ARG B 175 -26.53 -29.25 3.41
CA ARG B 175 -25.70 -29.54 4.60
C ARG B 175 -26.12 -28.61 5.74
N LEU B 176 -26.39 -27.33 5.42
CA LEU B 176 -26.87 -26.39 6.46
C LEU B 176 -28.25 -26.84 6.94
N VAL B 177 -29.09 -27.23 6.00
CA VAL B 177 -30.46 -27.71 6.37
C VAL B 177 -30.30 -28.94 7.24
N ARG B 178 -29.31 -29.78 6.95
CA ARG B 178 -29.09 -30.94 7.82
C ARG B 178 -28.45 -30.55 9.15
N ALA B 179 -27.76 -29.40 9.20
CA ALA B 179 -27.01 -29.04 10.39
C ALA B 179 -27.91 -28.58 11.53
N ALA B 180 -29.13 -28.15 11.23
CA ALA B 180 -30.01 -27.59 12.24
C ALA B 180 -31.36 -28.28 12.20
N ASP B 181 -32.03 -28.30 13.36
CA ASP B 181 -33.41 -28.78 13.39
C ASP B 181 -34.32 -27.87 12.56
N VAL B 182 -34.12 -26.56 12.62
CA VAL B 182 -34.91 -25.66 11.78
C VAL B 182 -34.16 -24.36 11.59
N LEU B 183 -34.33 -23.76 10.42
CA LEU B 183 -33.76 -22.47 10.07
C LEU B 183 -34.90 -21.54 9.64
N VAL B 184 -34.86 -20.30 10.13
CA VAL B 184 -35.84 -19.28 9.80
C VAL B 184 -35.12 -18.05 9.27
N ALA B 185 -35.50 -17.60 8.09
CA ALA B 185 -34.89 -16.43 7.48
C ALA B 185 -35.80 -15.20 7.62
N PHE B 186 -35.18 -14.03 7.50
CA PHE B 186 -35.94 -12.81 7.30
C PHE B 186 -36.93 -13.01 6.16
N LYS B 187 -38.14 -12.49 6.34
CA LYS B 187 -39.11 -12.52 5.28
C LYS B 187 -39.14 -11.24 4.46
N TYR B 188 -38.64 -10.13 5.02
CA TYR B 188 -38.75 -8.81 4.41
C TYR B 188 -37.36 -8.25 4.11
N TYR B 189 -37.33 -7.39 3.09
CA TYR B 189 -36.08 -6.68 2.73
C TYR B 189 -36.53 -5.38 2.05
N PRO B 190 -36.56 -4.23 2.76
CA PRO B 190 -35.64 -3.98 3.87
C PRO B 190 -35.93 -4.87 5.08
N HIS B 191 -34.89 -5.40 5.73
CA HIS B 191 -35.08 -6.36 6.85
C HIS B 191 -35.67 -5.62 8.06
N ILE B 192 -36.88 -5.99 8.48
CA ILE B 192 -37.58 -5.30 9.60
C ILE B 192 -38.25 -6.34 10.51
N ASP B 193 -38.17 -7.62 10.13
CA ASP B 193 -38.87 -8.68 10.88
C ASP B 193 -37.91 -9.50 11.71
N TYR B 194 -36.66 -9.07 11.84
CA TYR B 194 -35.68 -9.93 12.54
C TYR B 194 -36.24 -10.40 13.88
N VAL B 195 -36.75 -9.48 14.68
CA VAL B 195 -37.21 -9.88 16.01
C VAL B 195 -38.39 -10.82 15.90
N GLU B 196 -39.28 -10.56 14.94
CA GLU B 196 -40.45 -11.41 14.79
C GLU B 196 -40.04 -12.80 14.32
N ARG B 197 -39.08 -12.87 13.41
CA ARG B 197 -38.62 -14.19 12.95
C ARG B 197 -37.91 -14.96 14.06
N ALA B 198 -37.27 -14.25 14.99
CA ALA B 198 -36.63 -14.94 16.12
C ALA B 198 -37.69 -15.65 16.96
N ARG B 199 -38.75 -14.92 17.32
CA ARG B 199 -39.81 -15.51 18.18
C ARG B 199 -40.36 -16.73 17.46
N ASP B 200 -40.55 -16.64 16.15
CA ASP B 200 -41.06 -17.79 15.37
C ASP B 200 -40.09 -18.96 15.51
N LEU B 201 -38.79 -18.71 15.41
CA LEU B 201 -37.78 -19.80 15.51
C LEU B 201 -37.81 -20.39 16.91
N LEU B 202 -37.75 -19.54 17.94
CA LEU B 202 -37.69 -20.06 19.32
C LEU B 202 -38.94 -20.92 19.59
N ASP B 203 -40.08 -20.49 19.07
CA ASP B 203 -41.34 -21.24 19.26
C ASP B 203 -41.14 -22.63 18.69
N LEU B 204 -40.75 -22.71 17.41
CA LEU B 204 -40.58 -24.01 16.73
C LEU B 204 -39.62 -24.87 17.57
N LEU B 205 -38.55 -24.28 18.07
CA LEU B 205 -37.55 -25.06 18.86
C LEU B 205 -38.20 -25.51 20.16
N GLU B 206 -38.92 -24.60 20.83
CA GLU B 206 -39.55 -24.92 22.13
C GLU B 206 -40.45 -26.14 21.95
N ARG B 207 -41.10 -26.23 20.78
CA ARG B 207 -41.97 -27.38 20.49
C ARG B 207 -41.10 -28.61 20.23
N ILE B 208 -40.23 -28.53 19.21
CA ILE B 208 -39.31 -29.67 18.89
C ILE B 208 -38.78 -30.24 20.19
N ARG B 209 -38.32 -29.39 21.10
CA ARG B 209 -37.72 -29.88 22.36
C ARG B 209 -38.73 -30.76 23.08
N ALA B 210 -40.01 -30.40 23.01
CA ALA B 210 -41.07 -31.16 23.73
C ALA B 210 -41.41 -32.44 22.99
N GLY B 211 -41.55 -32.36 21.66
CA GLY B 211 -41.88 -33.56 20.86
C GLY B 211 -43.16 -33.36 20.10
N GLU B 212 -43.68 -32.13 20.12
CA GLU B 212 -44.96 -31.86 19.44
C GLU B 212 -44.76 -31.90 17.93
N ILE B 213 -43.53 -31.70 17.46
CA ILE B 213 -43.30 -31.62 15.99
C ILE B 213 -42.04 -32.41 15.60
N MET B 214 -42.09 -33.09 14.45
CA MET B 214 -40.88 -33.76 13.91
C MET B 214 -40.61 -33.07 12.58
N PRO B 215 -39.92 -31.92 12.58
CA PRO B 215 -39.74 -31.14 11.35
C PRO B 215 -39.21 -31.90 10.13
N THR B 216 -39.96 -31.90 9.03
CA THR B 216 -39.47 -32.49 7.76
C THR B 216 -39.30 -31.33 6.78
N SER B 217 -38.27 -31.34 5.94
CA SER B 217 -38.01 -30.15 5.10
C SER B 217 -37.65 -30.49 3.66
N SER B 218 -37.67 -29.48 2.79
CA SER B 218 -37.22 -29.67 1.42
C SER B 218 -36.62 -28.35 0.95
N LEU B 219 -35.49 -28.43 0.28
CA LEU B 219 -34.80 -27.27 -0.26
C LEU B 219 -34.88 -27.32 -1.77
N PHE B 220 -35.61 -26.38 -2.38
CA PHE B 220 -35.79 -26.34 -3.82
C PHE B 220 -34.82 -25.31 -4.41
N ASN B 221 -34.01 -25.75 -5.36
CA ASN B 221 -33.01 -24.90 -6.02
C ASN B 221 -33.63 -24.21 -7.23
N CYS B 222 -33.66 -22.88 -7.21
CA CYS B 222 -34.25 -22.13 -8.31
C CYS B 222 -33.31 -21.95 -9.49
N GLN B 223 -32.11 -22.49 -9.37
CA GLN B 223 -31.12 -22.42 -10.48
C GLN B 223 -31.10 -21.00 -11.01
N MET B 224 -31.06 -20.02 -10.11
CA MET B 224 -31.03 -18.59 -10.51
C MET B 224 -30.56 -17.76 -9.34
N VAL B 225 -30.12 -16.53 -9.58
CA VAL B 225 -29.77 -15.63 -8.45
C VAL B 225 -30.40 -14.27 -8.71
N ALA B 226 -31.35 -13.87 -7.86
CA ALA B 226 -31.94 -12.54 -7.99
C ALA B 226 -32.99 -12.32 -6.91
N GLY B 227 -33.48 -11.09 -6.79
CA GLY B 227 -34.55 -10.80 -5.82
C GLY B 227 -34.98 -9.35 -5.89
N LEU B 228 -36.13 -9.00 -5.29
CA LEU B 228 -36.63 -7.61 -5.32
C LEU B 228 -37.28 -7.26 -3.98
N ALA B 229 -37.41 -5.97 -3.69
CA ALA B 229 -38.01 -5.52 -2.43
C ALA B 229 -39.26 -6.32 -2.10
N THR B 230 -39.43 -6.69 -0.83
CA THR B 230 -40.64 -7.45 -0.41
C THR B 230 -41.84 -6.50 -0.45
N GLN B 231 -41.61 -5.24 -0.82
CA GLN B 231 -42.71 -4.25 -0.93
C GLN B 231 -43.04 -4.04 -2.41
N SER B 232 -42.29 -4.68 -3.30
CA SER B 232 -42.58 -4.59 -4.75
C SER B 232 -43.22 -5.88 -5.21
N SER B 233 -44.09 -5.81 -6.21
CA SER B 233 -44.81 -7.00 -6.70
C SER B 233 -44.01 -7.60 -7.86
N PRO B 234 -44.00 -8.93 -8.04
CA PRO B 234 -44.90 -9.80 -7.29
C PRO B 234 -44.27 -10.48 -6.05
N MET B 235 -43.25 -9.86 -5.47
CA MET B 235 -42.60 -10.44 -4.26
C MET B 235 -43.60 -10.43 -3.10
N LYS B 236 -44.09 -9.24 -2.73
CA LYS B 236 -45.03 -9.15 -1.58
C LYS B 236 -46.03 -10.31 -1.67
N GLU B 237 -46.59 -10.54 -2.85
CA GLU B 237 -47.59 -11.62 -3.03
C GLU B 237 -46.95 -12.96 -2.68
N LEU B 238 -45.75 -13.21 -3.20
CA LEU B 238 -45.05 -14.49 -2.91
C LEU B 238 -44.79 -14.58 -1.41
N VAL B 239 -44.55 -13.44 -0.76
CA VAL B 239 -44.33 -13.43 0.68
C VAL B 239 -45.65 -13.57 1.43
N ALA B 240 -46.68 -12.85 0.97
CA ALA B 240 -47.97 -12.92 1.64
C ALA B 240 -48.53 -14.33 1.59
N ASP B 241 -48.42 -14.99 0.44
CA ASP B 241 -48.87 -16.37 0.35
C ASP B 241 -48.10 -17.27 1.33
N LEU B 242 -46.79 -17.03 1.51
CA LEU B 242 -46.01 -17.85 2.43
C LEU B 242 -46.44 -17.66 3.88
N PHE B 243 -46.71 -16.41 4.30
CA PHE B 243 -47.26 -16.18 5.63
C PHE B 243 -48.61 -16.86 5.80
N GLU B 244 -49.37 -16.98 4.70
CA GLU B 244 -50.68 -17.63 4.75
C GLU B 244 -50.54 -19.11 5.10
N PHE B 245 -49.60 -19.79 4.46
CA PHE B 245 -49.34 -21.20 4.75
C PHE B 245 -48.95 -21.38 6.21
N GLU B 246 -48.09 -20.51 6.73
CA GLU B 246 -47.69 -20.59 8.13
C GLU B 246 -48.91 -20.54 9.05
N ARG B 247 -49.72 -19.47 8.96
CA ARG B 247 -50.80 -19.31 9.94
C ARG B 247 -51.88 -20.39 9.79
N ARG B 248 -52.19 -20.81 8.56
CA ARG B 248 -53.18 -21.88 8.38
C ARG B 248 -52.62 -23.24 8.77
N GLY B 249 -51.31 -23.35 9.00
CA GLY B 249 -50.76 -24.62 9.52
C GLY B 249 -50.22 -25.56 8.46
N GLU B 250 -50.41 -25.24 7.18
CA GLU B 250 -49.98 -26.17 6.11
C GLU B 250 -48.45 -26.31 6.16
N VAL B 251 -47.75 -25.22 6.46
CA VAL B 251 -46.26 -25.28 6.61
C VAL B 251 -45.89 -24.89 8.04
N LEU B 252 -44.94 -25.59 8.64
CA LEU B 252 -44.51 -25.30 10.02
C LEU B 252 -43.67 -24.01 9.98
N SER B 253 -42.86 -23.86 8.93
CA SER B 253 -42.06 -22.63 8.74
C SER B 253 -41.64 -22.55 7.28
N GLY B 254 -41.70 -21.36 6.70
CA GLY B 254 -41.28 -21.19 5.30
C GLY B 254 -40.31 -20.05 5.17
N SER B 255 -39.37 -20.17 4.23
CA SER B 255 -38.37 -19.10 4.04
C SER B 255 -37.98 -19.01 2.56
N LEU B 256 -38.08 -17.81 1.98
CA LEU B 256 -37.64 -17.62 0.58
C LEU B 256 -36.25 -17.00 0.63
N ILE B 257 -35.22 -17.78 0.26
CA ILE B 257 -33.83 -17.28 0.28
C ILE B 257 -33.52 -16.64 -1.07
N GLN B 258 -33.46 -15.32 -1.11
CA GLN B 258 -33.19 -14.60 -2.38
C GLN B 258 -31.73 -14.85 -2.77
N GLY B 259 -30.81 -14.80 -1.81
CA GLY B 259 -29.40 -15.13 -2.10
C GLY B 259 -28.49 -13.94 -2.27
N PHE B 260 -27.17 -14.18 -2.31
CA PHE B 260 -26.18 -13.10 -2.53
C PHE B 260 -25.28 -13.52 -3.69
N ARG B 261 -25.41 -12.84 -4.84
CA ARG B 261 -24.64 -13.20 -6.06
C ARG B 261 -23.15 -13.00 -5.85
N ALA B 262 -22.72 -12.07 -5.00
CA ALA B 262 -21.28 -11.74 -4.85
C ALA B 262 -20.49 -12.77 -4.04
N GLY B 263 -21.06 -13.93 -3.71
CA GLY B 263 -20.30 -15.00 -3.04
C GLY B 263 -20.01 -16.13 -4.01
N ASP B 264 -18.75 -16.24 -4.42
CA ASP B 264 -18.35 -17.36 -5.31
C ASP B 264 -18.30 -18.62 -4.45
N VAL B 265 -19.44 -19.29 -4.31
CA VAL B 265 -19.47 -20.53 -3.54
C VAL B 265 -20.61 -21.37 -4.12
N ALA B 266 -20.41 -22.69 -4.11
CA ALA B 266 -21.37 -23.59 -4.75
C ALA B 266 -22.78 -23.45 -4.18
N ARG B 267 -22.89 -23.16 -2.87
CA ARG B 267 -24.23 -23.08 -2.29
C ARG B 267 -24.96 -21.80 -2.67
N MET B 268 -24.32 -20.89 -3.38
CA MET B 268 -24.93 -19.60 -3.69
C MET B 268 -26.10 -19.74 -4.66
N GLY B 269 -27.15 -18.97 -4.44
CA GLY B 269 -28.29 -18.92 -5.32
C GLY B 269 -29.60 -18.69 -4.58
N SER B 270 -30.63 -18.33 -5.34
CA SER B 270 -31.96 -18.17 -4.76
C SER B 270 -32.61 -19.54 -4.57
N LYS B 271 -33.17 -19.77 -3.39
CA LYS B 271 -33.73 -21.08 -3.06
C LYS B 271 -34.95 -20.89 -2.18
N VAL B 272 -35.78 -21.94 -2.10
CA VAL B 272 -37.02 -21.88 -1.26
C VAL B 272 -37.02 -23.07 -0.31
N LEU B 273 -37.16 -22.81 1.00
CA LEU B 273 -37.14 -23.91 2.01
C LEU B 273 -38.49 -23.98 2.71
N ILE B 274 -39.11 -25.17 2.73
CA ILE B 274 -40.43 -25.36 3.39
C ILE B 274 -40.30 -26.38 4.52
N TYR B 275 -40.97 -26.14 5.65
CA TYR B 275 -40.94 -27.10 6.80
C TYR B 275 -42.32 -27.71 7.00
N THR B 276 -42.39 -29.04 7.15
CA THR B 276 -43.69 -29.73 7.38
C THR B 276 -43.54 -30.70 8.56
N ASN B 277 -44.61 -30.90 9.34
CA ASN B 277 -44.50 -31.77 10.54
C ASN B 277 -44.48 -33.25 10.11
N ASN B 278 -43.28 -33.84 10.01
CA ASN B 278 -43.14 -35.28 9.68
C ASN B 278 -43.91 -35.58 8.37
N ASP B 279 -43.75 -34.75 7.34
CA ASP B 279 -44.36 -35.06 6.01
C ASP B 279 -43.49 -34.46 4.90
N GLN B 280 -42.41 -35.14 4.52
CA GLN B 280 -41.44 -34.61 3.52
C GLN B 280 -42.09 -34.38 2.16
N PRO B 281 -42.86 -35.33 1.62
CA PRO B 281 -43.41 -35.16 0.28
C PRO B 281 -44.19 -33.86 0.17
N ALA B 282 -44.96 -33.53 1.21
CA ALA B 282 -45.75 -32.28 1.20
C ALA B 282 -44.79 -31.09 1.11
N ALA B 283 -43.71 -31.15 1.89
CA ALA B 283 -42.72 -30.05 1.84
C ALA B 283 -42.26 -29.83 0.40
N ALA B 284 -41.92 -30.91 -0.30
CA ALA B 284 -41.36 -30.76 -1.66
C ALA B 284 -42.37 -30.06 -2.57
N SER B 285 -43.64 -30.47 -2.49
CA SER B 285 -44.64 -29.89 -3.41
C SER B 285 -44.82 -28.39 -3.10
N ILE B 286 -44.93 -28.04 -1.81
CA ILE B 286 -45.10 -26.62 -1.43
C ILE B 286 -43.87 -25.86 -1.90
N ALA B 287 -42.68 -26.39 -1.62
CA ALA B 287 -41.43 -25.71 -2.01
C ALA B 287 -41.39 -25.60 -3.53
N GLN B 288 -41.81 -26.66 -4.20
CA GLN B 288 -41.81 -26.67 -5.68
C GLN B 288 -42.80 -25.62 -6.19
N ASP B 289 -43.94 -25.49 -5.52
CA ASP B 289 -44.96 -24.49 -5.94
C ASP B 289 -44.36 -23.09 -5.78
N PHE B 290 -43.88 -22.76 -4.58
CA PHE B 290 -43.35 -21.39 -4.35
C PHE B 290 -42.13 -21.18 -5.25
N GLY B 291 -41.29 -22.20 -5.37
CA GLY B 291 -40.07 -22.06 -6.17
C GLY B 291 -40.41 -21.70 -7.60
N ARG B 292 -41.25 -22.50 -8.24
CA ARG B 292 -41.57 -22.27 -9.68
C ARG B 292 -42.05 -20.84 -9.80
N ARG B 293 -42.95 -20.43 -8.90
CA ARG B 293 -43.42 -19.04 -8.91
C ARG B 293 -42.21 -18.11 -8.83
N TYR B 294 -41.28 -18.37 -7.90
CA TYR B 294 -40.15 -17.43 -7.72
C TYR B 294 -39.47 -17.24 -9.08
N GLN B 295 -39.32 -18.32 -9.82
CA GLN B 295 -38.61 -18.27 -11.13
C GLN B 295 -39.41 -17.39 -12.09
N ALA B 296 -40.73 -17.39 -11.96
CA ALA B 296 -41.54 -16.64 -12.93
C ALA B 296 -41.25 -15.16 -12.79
N MET B 297 -41.01 -14.70 -11.57
CA MET B 297 -40.80 -13.25 -11.33
C MET B 297 -39.42 -12.84 -11.84
N ALA B 298 -38.72 -13.77 -12.48
CA ALA B 298 -37.34 -13.48 -12.93
C ALA B 298 -37.32 -12.26 -13.84
N SER B 299 -38.24 -12.19 -14.80
CA SER B 299 -38.19 -11.05 -15.76
C SER B 299 -38.23 -9.73 -15.00
N ILE B 300 -39.13 -9.62 -14.02
CA ILE B 300 -39.28 -8.35 -13.26
C ILE B 300 -37.91 -7.99 -12.70
N MET B 301 -37.19 -8.99 -12.21
CA MET B 301 -35.85 -8.75 -11.61
C MET B 301 -34.81 -8.71 -12.74
N ARG B 308 -27.92 1.93 -17.47
CA ARG B 308 -27.13 0.67 -17.53
C ARG B 308 -25.87 0.91 -18.38
N SER B 309 -25.40 2.17 -18.44
CA SER B 309 -24.17 2.50 -19.20
C SER B 309 -23.48 3.70 -18.55
N PHE B 310 -22.22 3.52 -18.15
CA PHE B 310 -21.49 4.62 -17.48
C PHE B 310 -21.59 5.86 -18.38
N ALA B 311 -21.33 5.66 -19.67
CA ALA B 311 -21.33 6.81 -20.60
C ALA B 311 -22.75 7.38 -20.68
N ALA B 312 -23.74 6.51 -20.82
CA ALA B 312 -25.13 6.98 -20.89
C ALA B 312 -25.32 8.00 -19.77
N ASP B 313 -24.84 7.67 -18.58
CA ASP B 313 -25.02 8.58 -17.41
C ASP B 313 -24.18 9.84 -17.61
N ILE B 314 -22.93 9.68 -18.07
CA ILE B 314 -22.02 10.85 -18.20
C ILE B 314 -22.74 11.95 -18.99
N GLU B 315 -23.55 11.55 -19.97
CA GLU B 315 -24.26 12.54 -20.82
C GLU B 315 -25.32 13.24 -19.96
N LEU B 316 -26.15 12.47 -19.26
CA LEU B 316 -27.21 13.08 -18.48
C LEU B 316 -26.65 14.15 -17.56
N ALA B 317 -25.54 13.85 -16.90
CA ALA B 317 -24.88 14.85 -16.04
C ALA B 317 -24.34 16.01 -16.85
N LYS B 318 -23.80 15.69 -18.02
CA LYS B 318 -23.19 16.71 -18.92
C LYS B 318 -24.30 17.49 -19.61
N ALA B 319 -25.03 18.30 -18.85
CA ALA B 319 -26.07 19.17 -19.45
C ALA B 319 -25.94 20.49 -18.72
N ALA B 320 -25.78 20.44 -17.39
CA ALA B 320 -25.55 21.65 -16.56
C ALA B 320 -26.86 22.39 -16.35
N THR B 321 -27.96 21.81 -16.80
CA THR B 321 -29.29 22.46 -16.63
C THR B 321 -29.43 22.85 -15.16
N ALA B 322 -29.11 21.93 -14.25
CA ALA B 322 -29.21 22.20 -12.79
C ALA B 322 -27.89 22.76 -12.28
N TYR B 323 -27.94 23.84 -11.50
CA TYR B 323 -26.67 24.47 -11.05
C TYR B 323 -25.86 23.43 -10.28
N PRO B 324 -26.29 22.92 -9.10
CA PRO B 324 -25.55 21.85 -8.40
C PRO B 324 -26.15 20.46 -8.67
N VAL B 328 -23.11 9.76 -7.50
CA VAL B 328 -22.88 9.00 -6.24
C VAL B 328 -21.83 7.92 -6.46
N ASP B 329 -21.62 7.51 -7.72
CA ASP B 329 -20.68 6.39 -7.97
C ASP B 329 -21.02 5.30 -6.94
N SER B 330 -22.31 4.99 -6.83
CA SER B 330 -22.73 3.94 -5.87
C SER B 330 -21.83 2.73 -6.06
N SER B 331 -21.46 2.45 -7.31
CA SER B 331 -20.58 1.30 -7.61
C SER B 331 -19.39 1.30 -6.64
N ASP B 332 -19.03 2.45 -6.08
CA ASP B 332 -17.83 2.51 -5.21
C ASP B 332 -18.21 3.07 -3.84
N ASN B 333 -19.29 2.56 -3.25
CA ASN B 333 -19.73 3.02 -1.91
C ASN B 333 -18.95 2.29 -0.82
N PRO B 334 -18.19 3.01 0.04
CA PRO B 334 -17.50 2.35 1.15
C PRO B 334 -18.48 1.57 2.03
N GLY B 335 -19.71 2.04 2.17
CA GLY B 335 -20.70 1.38 3.05
C GLY B 335 -21.09 0.00 2.57
N GLY B 336 -20.90 -0.29 1.29
CA GLY B 336 -21.26 -1.60 0.74
C GLY B 336 -20.04 -2.49 0.57
N GLY B 337 -18.86 -1.99 0.94
CA GLY B 337 -17.65 -2.82 0.89
C GLY B 337 -16.73 -2.46 -0.26
N ALA B 338 -17.09 -1.41 -1.01
CA ALA B 338 -16.18 -0.97 -2.08
C ALA B 338 -15.01 -0.20 -1.47
N SER B 339 -13.87 -0.19 -2.14
CA SER B 339 -12.66 0.48 -1.62
C SER B 339 -12.85 2.00 -1.62
N GLY B 340 -13.67 2.51 -2.54
CA GLY B 340 -13.87 3.97 -2.64
C GLY B 340 -12.68 4.62 -3.33
N ASP B 341 -12.30 4.10 -4.49
CA ASP B 341 -11.09 4.61 -5.17
C ASP B 341 -11.20 4.46 -6.69
N ASN B 342 -12.31 3.95 -7.18
CA ASN B 342 -12.49 3.89 -8.66
C ASN B 342 -12.56 5.32 -9.16
N MET B 343 -11.47 5.81 -9.75
CA MET B 343 -11.42 7.18 -10.20
C MET B 343 -12.03 7.39 -11.58
N ALA B 344 -12.75 6.40 -12.12
CA ALA B 344 -13.35 6.55 -13.43
C ALA B 344 -14.24 7.79 -13.47
N LEU B 345 -14.97 8.04 -12.38
CA LEU B 345 -15.83 9.23 -12.30
C LEU B 345 -15.00 10.49 -12.43
N ALA B 346 -14.03 10.69 -11.53
CA ALA B 346 -13.17 11.87 -11.60
C ALA B 346 -12.54 12.02 -12.98
N ARG B 347 -12.06 10.92 -13.56
CA ARG B 347 -11.45 11.02 -14.90
C ARG B 347 -12.46 11.49 -15.94
N ALA B 348 -13.70 10.98 -15.87
CA ALA B 348 -14.74 11.43 -16.80
C ALA B 348 -15.05 12.91 -16.61
N MET B 349 -14.97 13.41 -15.37
CA MET B 349 -15.23 14.82 -15.11
C MET B 349 -14.19 15.72 -15.78
N LEU B 350 -12.90 15.39 -15.67
CA LEU B 350 -11.91 16.22 -16.34
C LEU B 350 -12.00 16.08 -17.86
N ASP B 351 -12.53 14.94 -18.31
CA ASP B 351 -12.69 14.70 -19.77
C ASP B 351 -13.90 15.48 -20.29
N ASN B 352 -14.98 15.55 -19.51
CA ASN B 352 -16.17 16.35 -19.90
C ASN B 352 -15.91 17.81 -19.52
N ASP B 353 -14.92 18.04 -18.67
CA ASP B 353 -14.69 19.42 -18.15
C ASP B 353 -15.92 19.77 -17.30
N LEU B 354 -16.41 18.80 -16.53
CA LEU B 354 -17.55 19.06 -15.61
C LEU B 354 -16.99 19.80 -14.39
N VAL B 355 -16.53 21.02 -14.59
CA VAL B 355 -16.01 21.83 -13.44
C VAL B 355 -16.76 23.18 -13.46
N PRO B 356 -16.70 23.99 -12.37
CA PRO B 356 -16.06 23.57 -11.13
C PRO B 356 -16.73 22.30 -10.59
N SER B 357 -15.97 21.47 -9.86
CA SER B 357 -16.56 20.17 -9.43
C SER B 357 -15.93 19.64 -8.13
N CYS B 358 -16.62 18.71 -7.46
CA CYS B 358 -16.11 18.08 -6.20
C CYS B 358 -16.02 16.57 -6.42
N ILE B 359 -15.09 15.87 -5.76
CA ILE B 359 -14.90 14.41 -6.06
C ILE B 359 -15.52 13.54 -4.96
N GLY B 360 -15.11 13.70 -3.71
CA GLY B 360 -15.63 12.81 -2.65
C GLY B 360 -14.54 12.39 -1.68
N PRO B 361 -14.81 11.54 -0.66
CA PRO B 361 -13.75 11.05 0.21
C PRO B 361 -13.01 9.88 -0.46
N ILE B 362 -11.82 10.11 -1.00
CA ILE B 362 -11.07 9.04 -1.73
C ILE B 362 -10.05 8.41 -0.78
N TRP B 363 -10.00 7.09 -0.76
CA TRP B 363 -9.06 6.37 0.16
C TRP B 363 -7.76 6.07 -0.57
N ASP B 364 -6.73 6.88 -0.34
CA ASP B 364 -5.39 6.62 -0.91
C ASP B 364 -4.39 7.05 0.15
N PRO B 365 -4.24 6.28 1.23
CA PRO B 365 -3.32 6.65 2.30
C PRO B 365 -2.01 7.25 1.75
N LEU B 366 -1.38 6.61 0.77
CA LEU B 366 -0.07 7.08 0.24
C LEU B 366 -0.23 8.50 -0.29
N ALA B 367 -1.24 8.72 -1.12
CA ALA B 367 -1.45 10.07 -1.67
C ALA B 367 -1.42 11.08 -0.51
N VAL B 368 -1.97 10.69 0.64
CA VAL B 368 -1.95 11.58 1.82
C VAL B 368 -0.50 11.80 2.22
N GLN B 369 0.25 10.72 2.41
CA GLN B 369 1.68 10.85 2.81
C GLN B 369 2.35 11.86 1.88
N LEU B 370 2.04 11.79 0.58
CA LEU B 370 2.75 12.67 -0.39
C LEU B 370 2.18 14.09 -0.33
N GLY B 371 0.87 14.25 -0.51
CA GLY B 371 0.29 15.61 -0.54
C GLY B 371 0.78 16.45 0.62
N PHE B 372 0.85 15.86 1.81
CA PHE B 372 1.34 16.60 3.01
C PHE B 372 2.82 16.91 2.84
N GLU B 373 3.63 15.90 2.49
CA GLU B 373 5.09 16.12 2.38
C GLU B 373 5.34 17.23 1.37
N ALA B 374 4.39 17.46 0.46
CA ALA B 374 4.51 18.55 -0.53
C ALA B 374 4.28 19.91 0.14
N GLY B 375 3.27 20.00 1.01
CA GLY B 375 2.96 21.25 1.71
C GLY B 375 1.74 21.95 1.11
N LEU B 376 1.16 22.90 1.82
CA LEU B 376 -0.07 23.58 1.34
C LEU B 376 0.23 24.30 0.01
N GLY B 377 -0.75 24.34 -0.90
CA GLY B 377 -0.56 25.01 -2.21
C GLY B 377 0.59 24.40 -3.00
N ALA B 378 0.69 23.07 -3.02
CA ALA B 378 1.79 22.39 -3.75
C ALA B 378 1.29 21.94 -5.12
N ASP B 379 1.82 22.54 -6.19
CA ASP B 379 1.42 22.15 -7.58
C ASP B 379 2.33 21.02 -8.06
N PHE B 380 2.04 19.78 -7.63
CA PHE B 380 2.88 18.61 -8.02
C PHE B 380 2.00 17.48 -8.57
N SER B 381 2.61 16.54 -9.31
CA SER B 381 1.85 15.38 -9.84
C SER B 381 1.68 14.32 -8.74
N LEU B 382 0.57 13.60 -8.75
CA LEU B 382 0.30 12.58 -7.70
C LEU B 382 -0.62 11.49 -8.26
N ARG B 383 -0.21 10.22 -8.16
CA ARG B 383 -1.05 9.10 -8.64
C ARG B 383 -2.10 8.89 -7.57
N VAL B 384 -3.38 8.97 -7.94
CA VAL B 384 -4.48 8.80 -6.95
C VAL B 384 -5.47 7.74 -7.48
N GLY B 385 -5.83 6.79 -6.61
CA GLY B 385 -6.85 5.79 -6.99
C GLY B 385 -6.29 4.64 -7.78
N GLY B 386 -7.13 3.66 -8.08
CA GLY B 386 -6.70 2.46 -8.81
C GLY B 386 -5.60 1.73 -8.07
N LYS B 387 -5.74 1.58 -6.76
CA LYS B 387 -4.63 0.97 -6.00
C LYS B 387 -5.10 -0.21 -5.15
N VAL B 388 -6.37 -0.23 -4.74
CA VAL B 388 -6.81 -1.30 -3.78
C VAL B 388 -7.08 -2.63 -4.48
N GLY B 389 -7.87 -2.66 -5.54
CA GLY B 389 -8.21 -3.97 -6.13
C GLY B 389 -8.62 -3.88 -7.59
N GLU B 390 -9.20 -4.96 -8.12
CA GLU B 390 -9.56 -4.99 -9.54
C GLU B 390 -10.67 -4.00 -9.86
N ALA B 391 -11.61 -3.82 -8.94
CA ALA B 391 -12.70 -2.86 -9.12
C ALA B 391 -12.25 -1.43 -8.93
N SER B 392 -10.95 -1.21 -8.72
CA SER B 392 -10.48 0.19 -8.43
C SER B 392 -10.12 0.85 -9.75
N GLY B 393 -9.95 0.07 -10.81
CA GLY B 393 -9.70 0.64 -12.14
C GLY B 393 -8.32 1.22 -12.33
N LEU B 394 -8.11 1.90 -13.46
CA LEU B 394 -6.81 2.53 -13.77
C LEU B 394 -6.60 3.71 -12.83
N PRO B 395 -5.42 3.83 -12.20
CA PRO B 395 -5.14 4.97 -11.34
C PRO B 395 -5.28 6.29 -12.11
N LEU B 396 -5.34 7.42 -11.41
CA LEU B 396 -5.41 8.74 -12.08
C LEU B 396 -4.13 9.51 -11.80
N ASP B 397 -3.46 9.95 -12.85
CA ASP B 397 -2.19 10.69 -12.70
C ASP B 397 -2.49 12.18 -12.87
N VAL B 398 -2.19 12.99 -11.86
CA VAL B 398 -2.57 14.43 -11.92
C VAL B 398 -1.50 15.28 -11.23
N ARG B 399 -1.11 16.39 -11.86
CA ARG B 399 -0.15 17.33 -11.22
C ARG B 399 -1.00 18.44 -10.61
N GLY B 400 -2.05 18.07 -9.89
CA GLY B 400 -2.96 19.08 -9.31
C GLY B 400 -2.31 19.82 -8.16
N LYS B 401 -2.55 21.13 -8.07
CA LYS B 401 -2.02 21.90 -6.91
C LYS B 401 -2.86 21.55 -5.69
N ILE B 402 -2.23 20.97 -4.66
CA ILE B 402 -2.97 20.62 -3.41
C ILE B 402 -3.56 21.91 -2.83
N THR B 403 -4.79 21.84 -2.29
CA THR B 403 -5.46 23.07 -1.78
C THR B 403 -6.09 22.81 -0.41
N GLY B 404 -5.67 21.73 0.27
CA GLY B 404 -6.20 21.45 1.62
C GLY B 404 -5.35 20.44 2.38
N LEU B 405 -5.20 20.63 3.69
CA LEU B 405 -4.43 19.68 4.55
C LEU B 405 -5.12 19.57 5.91
N ALA B 406 -5.49 18.37 6.32
CA ALA B 406 -6.22 18.16 7.60
C ALA B 406 -5.56 17.03 8.39
N GLU B 407 -5.54 17.11 9.72
CA GLU B 407 -4.80 16.11 10.52
C GLU B 407 -5.74 15.08 11.18
N ASN B 408 -6.99 15.44 11.49
CA ASN B 408 -7.97 14.47 12.03
C ASN B 408 -9.40 14.88 11.71
N VAL B 409 -9.82 14.73 10.45
CA VAL B 409 -11.18 15.14 10.03
C VAL B 409 -12.21 14.09 10.51
N THR B 410 -13.46 14.51 10.75
CA THR B 410 -14.54 13.57 11.15
C THR B 410 -15.86 14.02 10.53
N GLN B 411 -16.83 13.11 10.45
CA GLN B 411 -18.16 13.47 9.94
C GLN B 411 -19.15 13.16 11.07
N ASN B 412 -20.40 13.61 10.94
CA ASN B 412 -21.42 13.34 11.97
C ASN B 412 -22.38 12.28 11.45
N LEU B 413 -22.49 11.16 12.16
CA LEU B 413 -23.49 10.16 11.72
C LEU B 413 -24.24 9.61 12.94
N GLN B 414 -25.50 9.99 13.10
CA GLN B 414 -26.34 9.37 14.14
C GLN B 414 -25.58 9.26 15.45
N GLY B 415 -24.99 10.36 15.92
CA GLY B 415 -24.36 10.35 17.25
C GLY B 415 -22.97 9.80 17.22
N SER B 416 -22.53 9.31 16.06
CA SER B 416 -21.14 8.84 15.94
C SER B 416 -20.33 9.86 15.12
N ARG B 417 -19.06 10.00 15.45
CA ARG B 417 -18.17 10.92 14.69
C ARG B 417 -17.10 10.07 13.99
N PRO B 418 -17.42 9.40 12.88
CA PRO B 418 -16.47 8.49 12.23
C PRO B 418 -15.22 9.22 11.69
N PRO B 419 -13.98 8.72 11.86
CA PRO B 419 -12.81 9.47 11.39
C PRO B 419 -12.52 9.26 9.92
N LEU B 420 -12.09 10.35 9.27
CA LEU B 420 -11.40 10.27 7.99
C LEU B 420 -9.89 10.17 8.13
N GLY B 421 -9.33 10.44 9.33
CA GLY B 421 -7.91 10.41 9.51
C GLY B 421 -7.24 11.65 8.91
N ARG B 422 -5.95 11.49 8.61
CA ARG B 422 -5.22 12.49 7.84
C ARG B 422 -5.86 12.71 6.47
N VAL B 423 -6.07 13.97 6.08
CA VAL B 423 -6.78 14.27 4.84
C VAL B 423 -6.06 15.37 4.05
N VAL B 424 -6.16 15.29 2.72
CA VAL B 424 -5.52 16.21 1.79
C VAL B 424 -6.56 16.64 0.75
N CYS B 425 -6.33 17.82 0.18
CA CYS B 425 -7.20 18.33 -0.90
C CYS B 425 -6.31 18.71 -2.07
N ILE B 426 -6.74 18.42 -3.29
CA ILE B 426 -5.87 18.70 -4.48
C ILE B 426 -6.76 19.15 -5.64
N SER B 427 -6.44 20.30 -6.22
CA SER B 427 -7.24 20.82 -7.37
C SER B 427 -6.40 20.75 -8.65
N THR B 428 -7.00 20.27 -9.73
CA THR B 428 -6.30 20.22 -11.02
C THR B 428 -6.86 21.32 -11.92
N ALA B 429 -7.96 21.04 -12.62
CA ALA B 429 -8.57 22.03 -13.54
C ALA B 429 -10.03 22.24 -13.16
N GLY B 430 -10.29 22.82 -11.99
CA GLY B 430 -11.68 23.10 -11.57
C GLY B 430 -12.25 21.99 -10.70
N LEU B 431 -11.63 20.82 -10.69
CA LEU B 431 -12.09 19.71 -9.82
C LEU B 431 -11.18 19.62 -8.59
N ASP B 432 -11.79 19.55 -7.40
CA ASP B 432 -10.99 19.42 -6.15
C ASP B 432 -11.12 17.98 -5.63
N ILE B 433 -9.99 17.35 -5.30
CA ILE B 433 -10.01 15.93 -4.86
C ILE B 433 -9.75 15.86 -3.34
N ILE B 434 -10.56 15.10 -2.61
CA ILE B 434 -10.36 14.94 -1.14
C ILE B 434 -9.80 13.53 -0.89
N VAL B 435 -8.57 13.43 -0.37
CA VAL B 435 -7.95 12.09 -0.18
C VAL B 435 -7.89 11.82 1.32
N SER B 436 -8.38 10.66 1.74
CA SER B 436 -8.44 10.33 3.15
C SER B 436 -7.51 9.17 3.46
N GLU B 437 -6.95 9.20 4.66
CA GLU B 437 -6.13 8.12 5.15
C GLU B 437 -6.99 6.97 5.70
N ILE B 438 -8.27 7.23 5.98
CA ILE B 438 -9.22 6.25 6.46
C ILE B 438 -10.42 6.21 5.51
N ARG B 439 -10.80 4.98 5.13
CA ARG B 439 -11.90 4.80 4.17
C ARG B 439 -13.23 5.02 4.86
N ASP B 440 -13.99 6.00 4.40
CA ASP B 440 -15.36 6.20 4.94
C ASP B 440 -16.19 6.80 3.81
N GLN B 441 -17.51 6.77 3.93
CA GLN B 441 -18.37 7.34 2.88
C GLN B 441 -18.52 8.84 3.15
N CYS B 442 -18.97 9.60 2.15
CA CYS B 442 -19.22 11.03 2.43
C CYS B 442 -20.58 11.13 3.13
N TYR B 443 -20.62 11.80 4.28
CA TYR B 443 -21.88 11.90 5.05
C TYR B 443 -22.50 13.26 4.79
N GLY B 444 -21.82 14.34 5.18
CA GLY B 444 -22.33 15.65 4.89
C GLY B 444 -21.31 16.47 4.12
N PRO B 445 -21.71 17.55 3.42
CA PRO B 445 -20.75 18.29 2.61
C PRO B 445 -19.77 19.04 3.51
N ASP B 446 -19.87 18.83 4.83
CA ASP B 446 -18.97 19.51 5.79
C ASP B 446 -17.54 19.00 5.60
N MET B 447 -17.39 17.72 5.25
CA MET B 447 -16.03 17.16 4.99
C MET B 447 -15.36 18.01 3.92
N PHE B 448 -15.99 18.13 2.75
CA PHE B 448 -15.44 18.99 1.68
C PHE B 448 -15.11 20.36 2.25
N ARG B 449 -15.94 20.85 3.17
CA ARG B 449 -15.75 22.23 3.71
C ARG B 449 -14.45 22.33 4.52
N ALA B 450 -14.15 21.32 5.33
CA ALA B 450 -12.91 21.35 6.14
C ALA B 450 -11.72 21.47 5.20
N LEU B 451 -11.96 21.28 3.91
CA LEU B 451 -10.89 21.37 2.89
C LEU B 451 -11.12 22.59 2.00
N GLY B 452 -11.74 23.64 2.55
CA GLY B 452 -11.98 24.88 1.78
C GLY B 452 -12.84 24.62 0.55
N VAL B 453 -13.87 23.80 0.69
CA VAL B 453 -14.71 23.43 -0.49
C VAL B 453 -16.19 23.57 -0.12
N GLU B 454 -16.93 24.39 -0.87
CA GLU B 454 -18.39 24.49 -0.65
C GLU B 454 -19.08 23.79 -1.82
N PRO B 455 -19.56 22.54 -1.67
CA PRO B 455 -20.14 21.80 -2.78
C PRO B 455 -21.30 22.57 -3.43
N ALA B 456 -21.92 23.49 -2.71
CA ALA B 456 -23.10 24.22 -3.24
C ALA B 456 -22.69 25.08 -4.44
N ASN B 457 -21.55 25.77 -4.34
CA ASN B 457 -21.10 26.66 -5.43
C ASN B 457 -20.74 25.82 -6.65
N LYS B 458 -20.18 24.64 -6.42
CA LYS B 458 -19.77 23.75 -7.54
C LYS B 458 -20.99 23.41 -8.39
N ARG B 459 -20.81 23.31 -9.71
CA ARG B 459 -21.93 22.94 -10.60
C ARG B 459 -22.20 21.43 -10.46
N TYR B 460 -21.14 20.64 -10.34
CA TYR B 460 -21.31 19.18 -10.16
C TYR B 460 -20.73 18.76 -8.80
N VAL B 461 -21.41 17.83 -8.11
CA VAL B 461 -20.90 17.34 -6.80
C VAL B 461 -20.98 15.81 -6.79
N VAL B 463 -20.18 12.22 -4.93
CA VAL B 463 -20.04 11.85 -3.49
C VAL B 463 -19.75 10.35 -3.39
N LYS B 464 -18.84 9.95 -2.51
CA LYS B 464 -18.60 8.51 -2.29
C LYS B 464 -19.67 7.98 -1.33
N SER B 465 -20.80 7.51 -1.87
CA SER B 465 -21.92 7.01 -1.04
C SER B 465 -22.98 6.39 -1.97
N SER B 466 -24.01 5.77 -1.39
CA SER B 466 -25.11 5.21 -2.21
C SER B 466 -26.40 5.91 -1.79
N GLU B 467 -26.65 5.95 -0.49
CA GLU B 467 -27.84 6.64 0.00
C GLU B 467 -27.65 7.41 1.31
N GLN B 468 -26.66 7.06 2.13
CA GLN B 468 -26.46 7.68 3.44
C GLN B 468 -25.88 9.08 3.34
N TRP B 469 -25.45 9.50 2.14
CA TRP B 469 -25.01 10.87 1.93
C TRP B 469 -26.10 11.88 2.25
N ARG B 470 -27.35 11.50 2.01
CA ARG B 470 -28.45 12.50 2.17
C ARG B 470 -28.55 12.93 3.63
N ILE B 471 -27.99 12.14 4.55
CA ILE B 471 -28.11 12.46 6.00
C ILE B 471 -27.42 13.80 6.26
N GLY B 472 -26.65 14.30 5.30
CA GLY B 472 -26.02 15.61 5.48
C GLY B 472 -26.26 16.51 4.28
N PHE B 473 -26.72 15.93 3.17
CA PHE B 473 -26.90 16.73 1.93
C PHE B 473 -28.37 17.14 1.77
N GLY B 474 -29.29 16.31 2.28
CA GLY B 474 -30.72 16.60 2.06
C GLY B 474 -31.01 16.75 0.58
N ASP B 475 -31.28 17.98 0.14
CA ASP B 475 -31.54 18.25 -1.30
C ASP B 475 -30.82 19.54 -1.72
N MET B 476 -29.56 19.70 -1.30
CA MET B 476 -28.76 20.91 -1.66
C MET B 476 -28.54 20.94 -3.17
N GLY B 477 -28.77 19.82 -3.84
CA GLY B 477 -28.60 19.75 -5.31
C GLY B 477 -29.91 19.39 -5.98
N ARG B 478 -30.15 19.92 -7.18
CA ARG B 478 -31.44 19.68 -7.86
C ARG B 478 -31.44 18.29 -8.49
N SER B 479 -30.59 18.08 -9.49
CA SER B 479 -30.56 16.78 -10.21
C SER B 479 -29.76 15.75 -9.41
N VAL B 480 -30.00 14.46 -9.67
CA VAL B 480 -29.24 13.38 -9.00
C VAL B 480 -29.02 12.26 -10.01
N ILE B 481 -27.76 11.98 -10.36
CA ILE B 481 -27.46 10.90 -11.35
C ILE B 481 -26.72 9.77 -10.62
N TYR B 482 -27.30 8.57 -10.62
CA TYR B 482 -26.62 7.41 -9.98
C TYR B 482 -25.65 6.83 -11.01
N VAL B 483 -24.37 7.18 -10.89
CA VAL B 483 -23.36 6.75 -11.90
C VAL B 483 -23.24 5.23 -11.86
N ALA B 484 -23.18 4.60 -13.03
CA ALA B 484 -23.02 3.13 -13.11
C ALA B 484 -21.54 2.76 -13.00
N SER B 485 -21.23 1.47 -13.05
CA SER B 485 -19.83 0.99 -12.92
C SER B 485 -19.19 0.86 -14.30
N SER B 486 -18.06 1.53 -14.51
CA SER B 486 -17.34 1.36 -15.79
C SER B 486 -16.87 -0.10 -15.90
N GLN B 487 -16.87 -0.80 -14.77
CA GLN B 487 -16.37 -2.20 -14.74
C GLN B 487 -17.45 -3.15 -15.26
N GLN B 488 -18.60 -2.61 -15.65
CA GLN B 488 -19.66 -3.46 -16.25
C GLN B 488 -19.01 -4.41 -17.27
N SER B 489 -18.06 -3.90 -18.05
CA SER B 489 -17.34 -4.74 -19.05
C SER B 489 -16.60 -5.85 -18.31
N SER B 490 -15.91 -5.52 -17.22
CA SER B 490 -15.21 -6.55 -16.41
C SER B 490 -16.22 -7.57 -15.90
N ILE B 491 -15.93 -8.85 -16.09
CA ILE B 491 -16.91 -9.90 -15.67
C ILE B 491 -16.29 -10.61 -14.48
N ARG B 492 -16.90 -10.45 -13.31
CA ARG B 492 -16.40 -11.18 -12.15
C ARG B 492 -16.19 -12.62 -12.63
N HIS B 493 -15.01 -13.19 -12.36
CA HIS B 493 -14.74 -14.58 -12.77
C HIS B 493 -15.09 -15.53 -11.61
N TYR B 494 -16.34 -15.96 -11.56
CA TYR B 494 -16.72 -16.94 -10.51
C TYR B 494 -15.88 -18.21 -10.69
N HIS B 495 -15.43 -18.79 -9.59
CA HIS B 495 -14.61 -20.03 -9.65
C HIS B 495 -15.41 -21.21 -9.09
N LYS B 496 -16.18 -20.99 -8.02
CA LYS B 496 -16.90 -22.10 -7.36
C LYS B 496 -18.41 -21.98 -7.61
N ARG B 497 -18.82 -20.96 -8.35
CA ARG B 497 -20.27 -20.76 -8.60
C ARG B 497 -20.85 -21.98 -9.29
N SER B 498 -22.06 -22.38 -8.91
CA SER B 498 -22.72 -23.52 -9.60
C SER B 498 -23.14 -23.09 -11.00
N ARG B 499 -23.18 -24.05 -11.93
CA ARG B 499 -23.61 -23.76 -13.33
C ARG B 499 -24.54 -24.88 -13.79
N PRO B 500 -25.57 -24.57 -14.59
CA PRO B 500 -25.80 -23.22 -15.05
C PRO B 500 -26.75 -22.46 -14.11
N MET B 501 -26.74 -21.12 -14.17
CA MET B 501 -27.57 -20.31 -13.25
C MET B 501 -27.95 -18.99 -13.89
N TRP B 502 -29.23 -18.62 -13.84
CA TRP B 502 -29.71 -17.32 -14.39
C TRP B 502 -29.40 -16.22 -13.36
N PRO B 503 -28.86 -15.06 -13.76
CA PRO B 503 -28.94 -14.58 -15.13
C PRO B 503 -27.64 -14.76 -15.91
N PHE B 504 -26.68 -15.52 -15.38
CA PHE B 504 -25.37 -15.63 -16.05
C PHE B 504 -25.50 -16.55 -17.26
N GLU B 505 -26.19 -17.68 -17.08
CA GLU B 505 -26.29 -18.67 -18.17
C GLU B 505 -27.74 -19.13 -18.32
N PRO B 506 -28.20 -19.44 -19.55
CA PRO B 506 -29.56 -19.94 -19.75
C PRO B 506 -29.69 -21.31 -19.06
N VAL B 507 -30.90 -21.64 -18.60
CA VAL B 507 -31.11 -22.91 -17.85
C VAL B 507 -32.25 -23.71 -18.48
N LEU B 508 -32.11 -25.04 -18.57
CA LEU B 508 -33.16 -25.91 -19.17
C LEU B 508 -34.22 -25.06 -19.89
ZN ZN C . 26.62 6.90 -4.36
ZN ZN D . 8.82 -23.24 1.04
ZN ZN E . -29.22 -8.68 3.86
CA CA F . -25.85 -4.37 11.62
#